data_3WO8
#
_entry.id   3WO8
#
_cell.length_a   133.457
_cell.length_b   133.457
_cell.length_c   142.330
_cell.angle_alpha   90.00
_cell.angle_beta   90.00
_cell.angle_gamma   120.00
#
_symmetry.space_group_name_H-M   'P 31 2 1'
#
loop_
_entity.id
_entity.type
_entity.pdbx_description
1 polymer Beta-N-acetylglucosaminidase
2 water water
#
_entity_poly.entity_id   1
_entity_poly.type   'polypeptide(L)'
_entity_poly.pdbx_seq_one_letter_code
;MNHKVHHHHHHMDVDLGKLFFCGFNDFNEEVKEIIRKYRPTGILIYPGVLSKEYLLMDFMSFLSKEGDFLISSDHEGGQL
EVLKYVPSSPGNLAFGKNSPDVTYRYSRVAGKIMEIVGLNMVFAPVLDLLSEESSSVIDIRSYGSDPKIVAEHGARACEG
YLEGGVIPCIKHFPGHGKAREDSHLTLPVVDAPFEKLWEEDLLPFRKVLEREKKVTVMTAHVRYSSIDSLPATLSEKIIT
DVLREKIGFDGLVISDAMEMSAVSNNFSVEEIVSLFLNAGGNMILLGDYRNLPVYYETLVKLLEDGKVQKDKVERSIRTV
EKYLAFAKKNSGVGFLADVSMKAVEFLGFEKIDHTSEVTLLVPSSENLSQADTTGGDYDQIPEIVSRFFEVENVVRYTVE
DGPEFVEGDLIFDFVADIPNEKALKAHLSLPAEKTVYFVLRNPFDVRYFEGRKIVVTRSTKPISIYKSLEHFLGRCDS
;
_entity_poly.pdbx_strand_id   A,B
#
# COMPACT_ATOMS: atom_id res chain seq x y z
N ASP A 15 18.41 30.21 5.73
CA ASP A 15 17.19 30.96 6.11
C ASP A 15 16.06 30.96 5.00
N LEU A 16 16.37 31.35 3.76
CA LEU A 16 15.28 31.64 2.79
C LEU A 16 14.57 30.40 2.23
N GLY A 17 15.28 29.27 2.26
CA GLY A 17 14.69 28.02 1.87
C GLY A 17 13.47 27.60 2.68
N LYS A 18 13.34 28.17 3.86
CA LYS A 18 12.24 27.85 4.72
C LYS A 18 10.95 28.32 4.09
N LEU A 19 11.02 29.23 3.15
CA LEU A 19 9.81 29.83 2.66
C LEU A 19 9.29 29.10 1.45
N PHE A 20 10.00 28.04 1.05
CA PHE A 20 9.64 27.30 -0.17
C PHE A 20 9.21 25.83 0.03
N PHE A 21 8.13 25.51 -0.66
CA PHE A 21 7.65 24.16 -0.74
C PHE A 21 7.63 23.70 -2.21
N CYS A 22 8.37 22.62 -2.49
CA CYS A 22 8.58 22.16 -3.85
C CYS A 22 8.06 20.75 -4.20
N GLY A 23 7.52 20.67 -5.41
CA GLY A 23 7.07 19.41 -5.96
C GLY A 23 8.17 18.67 -6.66
N PHE A 24 8.28 17.37 -6.39
CA PHE A 24 9.17 16.50 -7.12
C PHE A 24 8.49 15.30 -7.76
N ASN A 25 8.68 15.15 -9.06
CA ASN A 25 8.15 14.05 -9.82
C ASN A 25 9.20 13.04 -10.17
N ASP A 26 10.42 13.25 -9.65
CA ASP A 26 11.50 12.36 -9.93
C ASP A 26 12.54 12.61 -8.87
N PHE A 27 13.50 11.71 -8.82
CA PHE A 27 14.63 11.82 -7.89
C PHE A 27 15.86 11.46 -8.68
N ASN A 28 16.89 12.29 -8.61
CA ASN A 28 18.03 12.23 -9.49
C ASN A 28 19.03 13.26 -9.04
N GLU A 29 20.15 13.31 -9.72
CA GLU A 29 21.23 14.18 -9.34
C GLU A 29 20.78 15.64 -9.34
N GLU A 30 20.06 16.06 -10.37
CA GLU A 30 19.54 17.43 -10.40
C GLU A 30 18.74 17.78 -9.14
N VAL A 31 17.73 16.98 -8.82
CA VAL A 31 16.96 17.12 -7.59
C VAL A 31 17.89 17.16 -6.36
N LYS A 32 18.82 16.22 -6.27
CA LYS A 32 19.73 16.26 -5.12
C LYS A 32 20.41 17.62 -5.07
N GLU A 33 20.87 18.09 -6.22
CA GLU A 33 21.58 19.34 -6.28
C GLU A 33 20.72 20.51 -5.79
N ILE A 34 19.55 20.67 -6.39
CA ILE A 34 18.70 21.76 -5.98
C ILE A 34 18.45 21.74 -4.50
N ILE A 35 18.17 20.58 -3.95
CA ILE A 35 17.87 20.54 -2.53
C ILE A 35 19.08 20.95 -1.71
N ARG A 36 20.26 20.46 -2.06
CA ARG A 36 21.49 20.85 -1.35
C ARG A 36 21.77 22.34 -1.49
N LYS A 37 21.64 22.86 -2.70
CA LYS A 37 21.94 24.25 -2.99
C LYS A 37 20.98 25.21 -2.26
N TYR A 38 19.67 25.10 -2.47
CA TYR A 38 18.71 26.04 -1.87
C TYR A 38 18.04 25.66 -0.55
N ARG A 39 18.16 24.41 -0.15
CA ARG A 39 17.61 23.96 1.15
C ARG A 39 16.11 24.26 1.35
N PRO A 40 15.27 23.94 0.35
CA PRO A 40 13.85 24.23 0.63
C PRO A 40 13.34 23.31 1.69
N THR A 41 12.50 23.82 2.56
CA THR A 41 12.03 23.05 3.68
C THR A 41 10.90 22.11 3.27
N GLY A 42 10.05 22.59 2.38
CA GLY A 42 8.85 21.87 1.94
C GLY A 42 9.07 20.96 0.75
N ILE A 43 8.82 19.65 0.95
CA ILE A 43 9.03 18.62 -0.05
C ILE A 43 7.72 17.87 -0.34
N LEU A 44 7.18 18.09 -1.54
CA LEU A 44 5.96 17.50 -2.00
C LEU A 44 6.33 16.44 -2.97
N ILE A 45 5.92 15.22 -2.67
CA ILE A 45 6.34 14.11 -3.49
C ILE A 45 5.16 13.64 -4.31
N TYR A 46 5.39 13.51 -5.61
CA TYR A 46 4.40 13.14 -6.57
C TYR A 46 4.54 11.71 -7.08
N PRO A 47 3.57 11.23 -7.88
CA PRO A 47 3.56 9.86 -8.38
C PRO A 47 4.75 9.33 -9.17
N GLY A 48 5.45 10.20 -9.87
CA GLY A 48 6.64 9.79 -10.58
C GLY A 48 7.67 9.28 -9.57
N VAL A 49 7.70 9.82 -8.35
CA VAL A 49 8.49 9.17 -7.30
C VAL A 49 7.73 8.02 -6.60
N LEU A 50 6.51 8.27 -6.21
CA LEU A 50 5.80 7.34 -5.31
C LEU A 50 5.52 5.97 -5.93
N SER A 51 5.20 5.94 -7.22
CA SER A 51 4.92 4.71 -7.98
C SER A 51 6.16 3.88 -8.23
N LYS A 52 7.30 4.36 -7.78
CA LYS A 52 8.55 3.65 -7.94
C LYS A 52 9.20 3.64 -6.56
N GLU A 53 8.83 2.63 -5.81
CA GLU A 53 9.10 2.56 -4.41
C GLU A 53 10.62 2.60 -4.14
N TYR A 54 11.44 2.12 -5.05
CA TYR A 54 12.89 2.20 -4.78
C TYR A 54 13.30 3.66 -4.77
N LEU A 55 12.79 4.48 -5.70
CA LEU A 55 13.10 5.89 -5.68
C LEU A 55 12.57 6.58 -4.43
N LEU A 56 11.30 6.36 -4.10
CA LEU A 56 10.79 6.90 -2.89
C LEU A 56 11.74 6.60 -1.69
N MET A 57 12.22 5.38 -1.59
CA MET A 57 13.02 4.98 -0.47
C MET A 57 14.35 5.74 -0.49
N ASP A 58 14.98 5.83 -1.63
CA ASP A 58 16.20 6.62 -1.76
C ASP A 58 15.99 8.09 -1.47
N PHE A 59 14.94 8.64 -2.04
CA PHE A 59 14.62 10.01 -1.77
C PHE A 59 14.53 10.23 -0.25
N MET A 60 13.71 9.41 0.43
CA MET A 60 13.55 9.55 1.87
C MET A 60 14.88 9.35 2.63
N SER A 61 15.76 8.51 2.12
CA SER A 61 17.02 8.25 2.75
C SER A 61 17.84 9.51 2.68
N PHE A 62 17.89 10.06 1.49
CA PHE A 62 18.53 11.35 1.24
C PHE A 62 17.96 12.45 2.13
N LEU A 63 16.66 12.61 2.18
CA LEU A 63 16.16 13.69 2.98
C LEU A 63 16.50 13.49 4.44
N SER A 64 16.45 12.24 4.91
CA SER A 64 16.87 11.94 6.27
C SER A 64 18.28 12.47 6.61
N LYS A 65 19.22 12.23 5.74
CA LYS A 65 20.60 12.64 5.97
C LYS A 65 20.83 14.13 5.75
N GLU A 66 19.98 14.82 4.99
CA GLU A 66 20.29 16.20 4.54
C GLU A 66 19.79 17.29 5.46
N GLY A 67 18.78 16.99 6.27
CA GLY A 67 18.22 17.99 7.14
C GLY A 67 16.78 17.73 7.55
N ASP A 68 16.05 18.82 7.76
CA ASP A 68 14.83 18.81 8.47
C ASP A 68 13.72 19.37 7.62
N PHE A 69 12.91 18.49 7.08
CA PHE A 69 11.96 18.84 6.01
C PHE A 69 10.51 18.61 6.41
N LEU A 70 9.58 19.35 5.82
CA LEU A 70 8.19 19.07 5.91
C LEU A 70 7.90 18.27 4.70
N ILE A 71 7.67 16.96 4.84
CA ILE A 71 7.36 16.11 3.67
C ILE A 71 5.87 15.76 3.48
N SER A 72 5.32 16.18 2.35
CA SER A 72 3.90 16.03 2.12
C SER A 72 3.53 15.26 0.84
N SER A 73 2.24 14.95 0.74
CA SER A 73 1.64 14.35 -0.44
C SER A 73 0.25 14.93 -0.67
N ASP A 74 -0.34 14.65 -1.84
CA ASP A 74 -1.73 15.06 -2.10
C ASP A 74 -2.70 13.93 -1.84
N HIS A 75 -2.43 13.10 -0.84
CA HIS A 75 -3.25 11.94 -0.66
C HIS A 75 -4.46 12.25 0.18
N GLU A 76 -5.46 12.83 -0.43
CA GLU A 76 -6.71 13.21 0.24
C GLU A 76 -7.62 12.02 0.53
N GLY A 77 -7.56 10.99 -0.30
CA GLY A 77 -8.49 9.89 -0.27
C GLY A 77 -9.58 10.19 -1.25
N GLY A 78 -10.25 9.15 -1.72
CA GLY A 78 -11.21 9.31 -2.79
C GLY A 78 -10.57 9.60 -4.15
N GLN A 79 -10.94 10.72 -4.74
CA GLN A 79 -10.49 11.07 -6.07
C GLN A 79 -8.97 11.19 -6.23
N LEU A 80 -8.34 11.87 -5.32
CA LEU A 80 -6.92 12.01 -5.34
C LEU A 80 -6.27 11.01 -4.40
N GLU A 81 -5.66 9.97 -4.96
CA GLU A 81 -4.91 8.99 -4.15
C GLU A 81 -3.63 8.67 -4.87
N VAL A 82 -2.51 8.76 -4.15
CA VAL A 82 -1.18 8.57 -4.73
C VAL A 82 -0.29 7.62 -3.93
N LEU A 83 -0.72 7.28 -2.72
CA LEU A 83 0.03 6.44 -1.80
C LEU A 83 -0.56 5.08 -1.83
N LYS A 84 0.21 4.13 -2.33
CA LYS A 84 -0.27 2.77 -2.38
C LYS A 84 -0.53 2.21 -0.98
N TYR A 85 0.31 2.61 -0.03
CA TYR A 85 0.25 2.16 1.37
C TYR A 85 -1.03 2.43 2.10
N VAL A 86 -1.83 3.33 1.63
CA VAL A 86 -2.97 3.76 2.39
C VAL A 86 -4.25 3.21 1.82
N PRO A 87 -5.02 2.47 2.63
CA PRO A 87 -6.29 1.93 2.13
C PRO A 87 -7.13 2.96 1.42
N SER A 88 -7.66 2.55 0.31
CA SER A 88 -8.47 3.41 -0.49
C SER A 88 -9.72 3.85 0.20
N SER A 89 -10.07 5.08 -0.03
CA SER A 89 -11.19 5.70 0.60
C SER A 89 -12.17 6.00 -0.48
N PRO A 90 -13.44 5.89 -0.17
CA PRO A 90 -14.46 6.37 -1.13
C PRO A 90 -14.49 7.91 -1.31
N GLY A 91 -13.85 8.62 -0.38
CA GLY A 91 -13.79 10.06 -0.46
C GLY A 91 -14.65 10.87 0.50
N ASN A 92 -14.42 12.17 0.49
CA ASN A 92 -15.03 13.07 1.42
C ASN A 92 -16.53 13.19 1.28
N LEU A 93 -17.04 13.19 0.07
CA LEU A 93 -18.48 13.32 -0.07
C LEU A 93 -19.17 12.09 0.51
N ALA A 94 -18.58 10.92 0.36
CA ALA A 94 -19.10 9.73 1.01
C ALA A 94 -19.03 9.92 2.49
N PHE A 95 -17.87 10.33 2.96
CA PHE A 95 -17.68 10.50 4.40
C PHE A 95 -18.65 11.53 4.97
N GLY A 96 -18.98 12.53 4.15
CA GLY A 96 -19.95 13.57 4.49
C GLY A 96 -21.35 13.09 4.89
N LYS A 97 -21.67 11.86 4.54
CA LYS A 97 -22.93 11.26 4.93
C LYS A 97 -22.74 10.28 6.06
N ASN A 98 -21.52 10.15 6.55
CA ASN A 98 -21.29 9.36 7.75
C ASN A 98 -21.06 10.24 8.98
N SER A 99 -20.93 9.59 10.14
CA SER A 99 -20.55 10.27 11.34
C SER A 99 -19.15 10.83 11.13
N PRO A 100 -18.89 12.06 11.65
CA PRO A 100 -17.56 12.62 11.74
C PRO A 100 -16.58 11.74 12.48
N ASP A 101 -17.06 10.84 13.31
CA ASP A 101 -16.14 9.89 13.99
C ASP A 101 -15.40 9.02 13.03
N VAL A 102 -16.04 8.59 11.94
CA VAL A 102 -15.32 7.69 11.04
C VAL A 102 -14.27 8.43 10.23
N THR A 103 -14.60 9.66 9.84
CA THR A 103 -13.61 10.53 9.27
C THR A 103 -12.35 10.64 10.14
N TYR A 104 -12.56 10.82 11.42
CA TYR A 104 -11.48 10.76 12.37
C TYR A 104 -10.75 9.42 12.22
N ARG A 105 -11.52 8.36 12.05
CA ARG A 105 -10.94 7.04 11.97
C ARG A 105 -10.06 6.86 10.73
N TYR A 106 -10.60 7.22 9.56
CA TYR A 106 -9.85 7.09 8.34
C TYR A 106 -8.56 7.94 8.39
N SER A 107 -8.75 9.21 8.78
CA SER A 107 -7.66 10.16 8.88
C SER A 107 -6.53 9.67 9.80
N ARG A 108 -6.89 9.14 10.96
CA ARG A 108 -5.90 8.59 11.90
C ARG A 108 -5.18 7.39 11.30
N VAL A 109 -5.90 6.59 10.50
CA VAL A 109 -5.16 5.51 9.80
C VAL A 109 -4.22 5.99 8.68
N ALA A 110 -4.72 6.92 7.86
CA ALA A 110 -3.90 7.52 6.79
C ALA A 110 -2.68 8.18 7.40
N GLY A 111 -2.90 8.90 8.50
CA GLY A 111 -1.82 9.59 9.17
C GLY A 111 -0.74 8.62 9.61
N LYS A 112 -1.20 7.59 10.30
CA LYS A 112 -0.31 6.64 10.87
C LYS A 112 0.52 6.04 9.77
N ILE A 113 -0.14 5.70 8.65
CA ILE A 113 0.61 5.00 7.60
C ILE A 113 1.58 5.99 6.96
N MET A 114 1.09 7.20 6.70
CA MET A 114 1.91 8.29 6.19
C MET A 114 3.15 8.44 7.04
N GLU A 115 3.00 8.40 8.37
CA GLU A 115 4.16 8.60 9.21
C GLU A 115 5.16 7.50 9.01
N ILE A 116 4.69 6.28 9.09
CA ILE A 116 5.58 5.14 8.94
C ILE A 116 6.39 5.25 7.66
N VAL A 117 5.71 5.63 6.62
CA VAL A 117 6.33 5.81 5.34
C VAL A 117 7.36 6.91 5.37
N GLY A 118 7.11 7.96 6.16
CA GLY A 118 8.06 9.06 6.35
C GLY A 118 7.50 10.44 6.06
N LEU A 119 6.24 10.48 5.69
CA LEU A 119 5.62 11.73 5.41
C LEU A 119 5.38 12.32 6.77
N ASN A 120 5.51 13.63 6.94
CA ASN A 120 5.00 14.26 8.16
C ASN A 120 4.02 15.34 7.93
N MET A 121 3.48 15.46 6.74
CA MET A 121 2.42 16.43 6.48
C MET A 121 1.52 15.89 5.39
N VAL A 122 0.27 16.33 5.32
CA VAL A 122 -0.56 15.99 4.19
C VAL A 122 -1.29 17.18 3.59
N PHE A 123 -1.44 17.23 2.28
CA PHE A 123 -2.26 18.31 1.77
C PHE A 123 -3.76 17.97 1.81
N ALA A 124 -4.33 17.98 3.00
CA ALA A 124 -5.72 17.64 3.20
C ALA A 124 -6.07 18.02 4.59
N PRO A 125 -7.36 18.20 4.89
CA PRO A 125 -8.58 18.00 4.13
C PRO A 125 -9.06 19.22 3.36
N VAL A 126 -9.77 18.97 2.28
CA VAL A 126 -10.52 19.97 1.56
C VAL A 126 -11.77 20.35 2.34
N LEU A 127 -11.93 21.65 2.61
CA LEU A 127 -13.11 22.17 3.26
C LEU A 127 -13.91 23.05 2.34
N ASP A 128 -13.61 23.05 1.06
CA ASP A 128 -14.51 23.72 0.11
C ASP A 128 -15.88 23.05 0.11
N LEU A 129 -16.90 23.86 -0.13
CA LEU A 129 -18.25 23.38 -0.20
C LEU A 129 -18.61 22.87 -1.61
N LEU A 130 -19.42 21.83 -1.65
CA LEU A 130 -20.21 21.47 -2.85
C LEU A 130 -21.25 22.50 -3.22
N SER A 131 -21.30 22.91 -4.50
CA SER A 131 -22.34 23.81 -5.01
C SER A 131 -22.53 23.67 -6.51
N ASP A 139 -16.26 18.19 -6.58
CA ASP A 139 -17.56 17.69 -6.10
C ASP A 139 -17.44 16.52 -5.09
N ILE A 140 -16.97 15.34 -5.51
CA ILE A 140 -16.65 14.28 -4.54
C ILE A 140 -15.44 14.60 -3.67
N ARG A 141 -14.65 15.62 -4.03
CA ARG A 141 -13.60 16.11 -3.14
C ARG A 141 -14.03 16.85 -1.89
N SER A 142 -15.31 17.29 -1.86
CA SER A 142 -15.90 18.02 -0.75
C SER A 142 -16.68 17.15 0.25
N TYR A 143 -16.73 17.54 1.53
CA TYR A 143 -17.58 16.81 2.49
C TYR A 143 -19.07 16.98 2.23
N GLY A 144 -19.44 18.02 1.47
CA GLY A 144 -20.84 18.34 1.22
C GLY A 144 -21.14 19.83 1.09
N SER A 145 -22.40 20.16 0.94
CA SER A 145 -22.80 21.55 0.73
C SER A 145 -23.11 22.26 2.05
N ASP A 146 -23.44 21.48 3.09
CA ASP A 146 -23.83 21.99 4.40
C ASP A 146 -22.62 22.41 5.26
N PRO A 147 -22.46 23.72 5.46
CA PRO A 147 -21.30 24.24 6.13
C PRO A 147 -20.94 23.64 7.46
N LYS A 148 -21.95 23.35 8.28
CA LYS A 148 -21.72 22.77 9.61
C LYS A 148 -21.15 21.37 9.47
N ILE A 149 -21.61 20.66 8.45
CA ILE A 149 -21.22 19.29 8.32
C ILE A 149 -19.80 19.28 7.84
N VAL A 150 -19.55 20.14 6.84
CA VAL A 150 -18.18 20.36 6.37
C VAL A 150 -17.21 20.64 7.56
N ALA A 151 -17.57 21.56 8.46
CA ALA A 151 -16.75 21.89 9.63
C ALA A 151 -16.54 20.75 10.61
N GLU A 152 -17.61 20.03 10.88
CA GLU A 152 -17.55 18.87 11.78
C GLU A 152 -16.55 17.81 11.26
N HIS A 153 -16.65 17.52 9.98
CA HIS A 153 -15.79 16.54 9.39
C HIS A 153 -14.36 17.01 9.27
N GLY A 154 -14.18 18.23 8.82
CA GLY A 154 -12.83 18.79 8.67
C GLY A 154 -12.07 18.78 9.96
N ALA A 155 -12.76 19.21 11.02
CA ALA A 155 -12.20 19.24 12.34
C ALA A 155 -11.75 17.87 12.78
N ARG A 156 -12.64 16.88 12.68
CA ARG A 156 -12.26 15.50 13.07
C ARG A 156 -11.16 14.91 12.18
N ALA A 157 -11.25 15.21 10.89
CA ALA A 157 -10.19 14.91 9.92
C ALA A 157 -8.86 15.44 10.40
N CYS A 158 -8.85 16.71 10.79
CA CYS A 158 -7.60 17.31 11.21
C CYS A 158 -7.08 16.66 12.48
N GLU A 159 -7.97 16.37 13.43
CA GLU A 159 -7.44 15.66 14.65
C GLU A 159 -7.00 14.25 14.35
N GLY A 160 -7.68 13.59 13.44
CA GLY A 160 -7.26 12.26 13.05
C GLY A 160 -5.85 12.30 12.48
N TYR A 161 -5.66 13.15 11.47
CA TYR A 161 -4.35 13.23 10.87
C TYR A 161 -3.29 13.55 11.92
N LEU A 162 -3.61 14.49 12.82
CA LEU A 162 -2.67 14.90 13.83
C LEU A 162 -2.25 13.78 14.75
N GLU A 163 -3.23 13.05 15.27
CA GLU A 163 -3.01 11.91 16.18
C GLU A 163 -2.26 10.81 15.47
N GLY A 164 -2.49 10.69 14.15
CA GLY A 164 -1.79 9.72 13.33
C GLY A 164 -0.32 10.04 13.18
N GLY A 165 0.00 11.33 13.18
CA GLY A 165 1.39 11.78 13.03
C GLY A 165 1.70 12.74 11.89
N VAL A 166 0.69 13.34 11.24
CA VAL A 166 0.99 14.28 10.15
C VAL A 166 0.32 15.59 10.32
N ILE A 167 1.04 16.65 10.01
CA ILE A 167 0.42 17.98 10.10
C ILE A 167 -0.51 18.10 8.92
N PRO A 168 -1.75 18.35 9.16
CA PRO A 168 -2.68 18.51 7.99
C PRO A 168 -2.62 19.90 7.38
N CYS A 169 -3.38 20.09 6.31
CA CYS A 169 -3.51 21.37 5.61
C CYS A 169 -4.92 21.63 5.02
N ILE A 170 -5.64 22.61 5.54
CA ILE A 170 -7.03 22.77 5.14
C ILE A 170 -7.04 23.61 3.89
N LYS A 171 -7.87 23.25 2.94
CA LYS A 171 -7.95 24.02 1.69
C LYS A 171 -9.36 24.23 1.13
N HIS A 172 -9.56 25.22 0.28
CA HIS A 172 -8.59 26.25 -0.11
C HIS A 172 -9.17 27.53 0.42
N PHE A 173 -8.47 28.17 1.35
CA PHE A 173 -9.00 29.33 2.08
C PHE A 173 -9.14 30.54 1.17
N PRO A 174 -10.27 31.27 1.24
CA PRO A 174 -11.39 31.18 2.17
C PRO A 174 -12.53 30.31 1.72
N GLY A 175 -12.29 29.46 0.73
CA GLY A 175 -13.30 28.54 0.21
C GLY A 175 -13.47 28.67 -1.29
N HIS A 176 -13.24 27.56 -1.97
CA HIS A 176 -13.16 27.52 -3.43
C HIS A 176 -14.49 27.08 -4.02
N GLY A 177 -15.37 26.61 -3.18
CA GLY A 177 -16.57 25.98 -3.64
C GLY A 177 -17.47 26.71 -4.59
N LYS A 178 -17.61 28.03 -4.50
CA LYS A 178 -18.57 28.75 -5.35
C LYS A 178 -18.02 29.13 -6.71
N ALA A 179 -16.76 28.80 -7.00
CA ALA A 179 -16.03 29.51 -8.08
C ALA A 179 -16.43 29.16 -9.50
N ARG A 180 -16.16 30.14 -10.37
CA ARG A 180 -16.61 30.21 -11.76
C ARG A 180 -15.55 30.81 -12.69
N GLU A 181 -15.37 30.20 -13.87
CA GLU A 181 -14.49 30.70 -14.95
C GLU A 181 -15.33 31.55 -15.91
N THR A 186 -9.44 33.12 -16.68
CA THR A 186 -8.41 32.13 -16.29
C THR A 186 -8.31 31.92 -14.74
N LEU A 187 -8.35 33.07 -14.08
CA LEU A 187 -8.58 33.22 -12.66
C LEU A 187 -10.07 33.16 -12.40
N PRO A 188 -10.57 32.12 -11.70
CA PRO A 188 -12.00 32.03 -11.44
C PRO A 188 -12.48 33.07 -10.44
N VAL A 189 -13.80 33.21 -10.32
CA VAL A 189 -14.36 34.31 -9.50
C VAL A 189 -15.60 33.92 -8.68
N VAL A 190 -15.56 34.31 -7.42
CA VAL A 190 -16.69 34.21 -6.53
C VAL A 190 -17.15 35.63 -6.24
N ASP A 191 -18.44 35.87 -6.47
CA ASP A 191 -19.04 37.18 -6.17
C ASP A 191 -19.98 37.20 -4.96
N ALA A 192 -19.97 36.15 -4.15
CA ALA A 192 -20.68 36.19 -2.88
C ALA A 192 -20.21 37.40 -2.10
N PRO A 193 -21.15 38.08 -1.43
CA PRO A 193 -20.83 39.10 -0.46
C PRO A 193 -20.17 38.51 0.78
N PHE A 194 -19.29 39.25 1.43
CA PHE A 194 -18.50 38.74 2.54
C PHE A 194 -19.35 38.11 3.66
N GLU A 195 -20.48 38.71 3.95
CA GLU A 195 -21.40 38.16 4.97
C GLU A 195 -21.76 36.76 4.60
N LYS A 196 -22.16 36.54 3.34
CA LYS A 196 -22.50 35.17 2.87
C LYS A 196 -21.30 34.22 3.03
N LEU A 197 -20.14 34.69 2.59
CA LEU A 197 -18.86 33.96 2.68
C LEU A 197 -18.48 33.56 4.10
N TRP A 198 -18.65 34.51 5.00
CA TRP A 198 -18.33 34.31 6.41
C TRP A 198 -19.21 33.25 7.08
N GLU A 199 -20.50 33.26 6.77
CA GLU A 199 -21.44 32.28 7.36
C GLU A 199 -21.34 30.91 6.72
N GLU A 200 -21.11 30.85 5.42
CA GLU A 200 -21.07 29.57 4.74
C GLU A 200 -19.64 29.06 4.49
N ASP A 201 -18.99 29.61 3.48
CA ASP A 201 -17.74 29.05 3.00
C ASP A 201 -16.67 29.07 4.07
N LEU A 202 -16.63 30.15 4.83
CA LEU A 202 -15.57 30.31 5.81
C LEU A 202 -15.76 29.54 7.12
N LEU A 203 -17.00 29.14 7.37
CA LEU A 203 -17.32 28.49 8.64
C LEU A 203 -16.38 27.37 8.94
N PRO A 204 -16.24 26.37 8.03
CA PRO A 204 -15.33 25.26 8.39
C PRO A 204 -13.92 25.74 8.71
N PHE A 205 -13.45 26.79 8.04
CA PHE A 205 -12.11 27.26 8.34
C PHE A 205 -12.06 27.82 9.75
N ARG A 206 -13.08 28.55 10.14
CA ARG A 206 -13.15 29.09 11.51
C ARG A 206 -13.17 28.03 12.55
N LYS A 207 -14.12 27.12 12.45
CA LYS A 207 -14.25 26.02 13.41
C LYS A 207 -12.97 25.26 13.51
N VAL A 208 -12.38 24.95 12.38
CA VAL A 208 -11.19 24.12 12.48
C VAL A 208 -10.07 24.88 13.20
N LEU A 209 -9.86 26.13 12.81
CA LEU A 209 -8.71 26.89 13.32
C LEU A 209 -8.90 27.26 14.78
N GLU A 210 -10.13 27.67 15.07
CA GLU A 210 -10.63 27.88 16.44
C GLU A 210 -10.56 26.66 17.35
N ARG A 211 -10.39 25.46 16.81
CA ARG A 211 -10.30 24.26 17.63
C ARG A 211 -8.98 23.53 17.49
N GLU A 212 -8.36 23.55 16.30
CA GLU A 212 -7.10 22.83 16.11
C GLU A 212 -5.99 23.82 15.73
N LYS A 213 -4.82 23.63 16.32
CA LYS A 213 -3.79 24.66 16.26
C LYS A 213 -2.72 24.30 15.30
N LYS A 214 -2.25 23.05 15.39
CA LYS A 214 -1.13 22.60 14.57
C LYS A 214 -1.58 22.19 13.15
N VAL A 215 -2.18 23.14 12.46
CA VAL A 215 -2.84 22.93 11.21
C VAL A 215 -2.31 24.02 10.30
N THR A 216 -2.02 23.66 9.05
CA THR A 216 -1.66 24.63 8.06
C THR A 216 -2.86 24.97 7.21
N VAL A 217 -2.75 26.06 6.46
CA VAL A 217 -3.82 26.54 5.63
C VAL A 217 -3.30 26.87 4.27
N MET A 218 -4.01 26.41 3.24
CA MET A 218 -3.61 26.63 1.87
C MET A 218 -4.61 27.53 1.25
N THR A 219 -4.08 28.39 0.44
CA THR A 219 -4.80 29.56 0.01
C THR A 219 -5.47 29.26 -1.30
N ALA A 220 -6.50 30.00 -1.65
CA ALA A 220 -7.23 29.71 -2.88
C ALA A 220 -6.83 30.67 -3.99
N HIS A 221 -6.54 30.13 -5.17
CA HIS A 221 -6.28 30.99 -6.33
C HIS A 221 -7.62 31.46 -6.95
N VAL A 222 -8.38 32.26 -6.23
CA VAL A 222 -9.65 32.77 -6.68
C VAL A 222 -9.85 34.23 -6.32
N ARG A 223 -10.60 34.92 -7.18
CA ARG A 223 -10.95 36.32 -7.02
C ARG A 223 -12.30 36.41 -6.34
N TYR A 224 -12.34 37.02 -5.15
CA TYR A 224 -13.57 37.24 -4.41
C TYR A 224 -13.97 38.69 -4.69
N SER A 225 -14.82 38.85 -5.71
CA SER A 225 -15.12 40.16 -6.28
C SER A 225 -15.87 41.09 -5.33
N SER A 226 -16.31 40.60 -4.18
CA SER A 226 -16.83 41.48 -3.13
C SER A 226 -15.75 42.13 -2.31
N ILE A 227 -14.55 41.57 -2.30
CA ILE A 227 -13.57 42.02 -1.30
C ILE A 227 -12.17 42.42 -1.81
N ASP A 228 -11.74 41.88 -2.93
CA ASP A 228 -10.44 42.24 -3.49
C ASP A 228 -10.42 41.76 -4.91
N SER A 229 -9.77 42.52 -5.78
CA SER A 229 -9.54 42.06 -7.16
C SER A 229 -8.48 41.00 -7.18
N LEU A 230 -7.48 41.10 -6.29
CA LEU A 230 -6.50 40.03 -6.19
C LEU A 230 -7.06 38.63 -5.87
N PRO A 231 -6.41 37.61 -6.43
CA PRO A 231 -6.68 36.24 -5.99
C PRO A 231 -6.33 36.12 -4.51
N ALA A 232 -7.08 35.26 -3.81
CA ALA A 232 -6.99 35.22 -2.36
C ALA A 232 -5.57 35.01 -1.92
N THR A 233 -4.85 34.21 -2.69
CA THR A 233 -3.46 33.87 -2.49
C THR A 233 -2.57 35.08 -2.46
N LEU A 234 -2.97 36.10 -3.21
CA LEU A 234 -2.19 37.33 -3.32
C LEU A 234 -2.78 38.54 -2.60
N SER A 235 -3.82 38.30 -1.81
CA SER A 235 -4.56 39.37 -1.18
C SER A 235 -4.21 39.52 0.28
N GLU A 236 -3.77 40.71 0.67
CA GLU A 236 -3.52 40.99 2.09
C GLU A 236 -4.83 41.19 2.82
N LYS A 237 -5.81 41.74 2.15
CA LYS A 237 -7.13 41.87 2.76
C LYS A 237 -7.61 40.53 3.30
N ILE A 238 -7.37 39.47 2.57
CA ILE A 238 -7.93 38.19 2.93
C ILE A 238 -7.04 37.40 3.86
N ILE A 239 -5.75 37.44 3.63
CA ILE A 239 -4.83 36.65 4.42
C ILE A 239 -4.64 37.40 5.69
N THR A 240 -4.45 38.70 5.60
CA THR A 240 -4.20 39.45 6.82
C THR A 240 -5.48 39.85 7.52
N ASP A 241 -6.35 40.57 6.83
CA ASP A 241 -7.50 41.12 7.49
C ASP A 241 -8.40 40.03 7.99
N VAL A 242 -8.68 39.00 7.18
CA VAL A 242 -9.58 37.94 7.65
C VAL A 242 -8.93 36.70 8.23
N LEU A 243 -7.89 36.17 7.62
CA LEU A 243 -7.35 34.95 8.19
C LEU A 243 -6.60 35.25 9.50
N ARG A 244 -5.60 36.12 9.44
CA ARG A 244 -4.73 36.41 10.59
C ARG A 244 -5.42 37.22 11.69
N GLU A 245 -6.25 38.16 11.29
CA GLU A 245 -6.82 39.12 12.22
C GLU A 245 -8.21 38.73 12.66
N LYS A 246 -9.17 38.73 11.75
CA LYS A 246 -10.54 38.45 12.11
C LYS A 246 -10.65 37.11 12.83
N ILE A 247 -10.06 36.07 12.25
CA ILE A 247 -10.06 34.70 12.78
C ILE A 247 -8.88 34.50 13.69
N GLY A 248 -7.89 35.34 13.57
CA GLY A 248 -6.81 35.29 14.52
C GLY A 248 -6.00 34.04 14.38
N PHE A 249 -5.80 33.56 13.16
CA PHE A 249 -4.94 32.40 12.92
C PHE A 249 -3.51 32.85 12.68
N ASP A 250 -2.55 32.28 13.38
CA ASP A 250 -1.18 32.78 13.27
C ASP A 250 -0.17 31.71 12.85
N GLY A 251 -0.70 30.61 12.33
CA GLY A 251 0.10 29.46 11.96
C GLY A 251 0.50 29.57 10.51
N LEU A 252 0.94 28.45 9.97
CA LEU A 252 1.55 28.40 8.67
C LEU A 252 0.53 28.58 7.55
N VAL A 253 0.83 29.47 6.64
CA VAL A 253 0.01 29.69 5.48
C VAL A 253 0.81 29.44 4.24
N ILE A 254 0.25 28.63 3.36
CA ILE A 254 0.99 28.16 2.21
C ILE A 254 0.15 28.43 0.94
N SER A 255 0.80 28.72 -0.17
CA SER A 255 -0.01 29.04 -1.35
C SER A 255 -0.48 27.76 -1.99
N ASP A 256 -1.47 27.86 -2.88
CA ASP A 256 -1.61 26.85 -3.89
C ASP A 256 -0.41 27.02 -4.85
N ALA A 257 -0.16 26.01 -5.65
CA ALA A 257 0.99 26.01 -6.57
C ALA A 257 1.01 27.27 -7.46
N MET A 258 2.12 27.99 -7.44
CA MET A 258 2.16 29.31 -8.08
C MET A 258 2.27 29.23 -9.58
N GLU A 259 2.58 28.06 -10.12
CA GLU A 259 2.58 27.87 -11.56
C GLU A 259 1.20 27.73 -12.11
N MET A 260 0.17 27.57 -11.28
CA MET A 260 -1.16 27.36 -11.86
C MET A 260 -1.61 28.59 -12.62
N SER A 261 -2.42 28.35 -13.62
CA SER A 261 -2.68 29.36 -14.62
C SER A 261 -3.35 30.58 -14.01
N ALA A 262 -4.26 30.34 -13.07
CA ALA A 262 -4.92 31.44 -12.34
C ALA A 262 -3.99 32.54 -11.81
N VAL A 263 -2.76 32.20 -11.41
CA VAL A 263 -1.86 33.29 -10.95
C VAL A 263 -0.68 33.54 -11.90
N SER A 264 -0.05 32.46 -12.38
CA SER A 264 1.12 32.58 -13.27
C SER A 264 0.81 33.26 -14.60
N ASN A 265 -0.38 33.09 -15.13
CA ASN A 265 -0.74 33.83 -16.32
C ASN A 265 -1.02 35.29 -16.08
N ASN A 266 -1.34 35.70 -14.84
CA ASN A 266 -1.73 37.09 -14.56
C ASN A 266 -0.74 37.88 -13.73
N PHE A 267 0.41 37.31 -13.35
CA PHE A 267 1.32 38.08 -12.50
C PHE A 267 2.77 37.67 -12.70
N SER A 268 3.69 38.61 -12.62
CA SER A 268 5.04 38.24 -12.74
C SER A 268 5.46 37.51 -11.46
N VAL A 269 6.49 36.69 -11.57
CA VAL A 269 7.10 36.10 -10.41
C VAL A 269 7.39 37.15 -9.35
N GLU A 270 7.78 38.35 -9.76
CA GLU A 270 8.10 39.38 -8.76
C GLU A 270 6.83 39.80 -8.01
N GLU A 271 5.76 39.98 -8.75
CA GLU A 271 4.49 40.32 -8.16
C GLU A 271 4.02 39.24 -7.20
N ILE A 272 3.97 38.03 -7.73
CA ILE A 272 3.58 36.86 -6.97
C ILE A 272 4.36 36.74 -5.67
N VAL A 273 5.68 36.67 -5.75
CA VAL A 273 6.44 36.47 -4.54
C VAL A 273 6.12 37.57 -3.53
N SER A 274 6.00 38.81 -3.98
CA SER A 274 5.91 39.92 -3.01
C SER A 274 4.50 40.09 -2.47
N LEU A 275 3.54 39.98 -3.35
CA LEU A 275 2.19 40.15 -2.92
C LEU A 275 1.87 39.10 -1.85
N PHE A 276 2.34 37.86 -2.06
CA PHE A 276 1.96 36.74 -1.20
C PHE A 276 2.57 36.98 0.14
N LEU A 277 3.89 37.15 0.17
CA LEU A 277 4.61 37.38 1.40
C LEU A 277 4.15 38.62 2.14
N ASN A 278 3.92 39.71 1.40
CA ASN A 278 3.42 40.94 2.02
C ASN A 278 1.99 40.70 2.50
N ALA A 279 1.23 39.82 1.88
CA ALA A 279 -0.15 39.61 2.35
C ALA A 279 -0.17 38.84 3.64
N GLY A 280 0.96 38.33 4.09
CA GLY A 280 1.01 37.49 5.27
C GLY A 280 1.23 35.99 5.00
N GLY A 281 1.31 35.56 3.74
CA GLY A 281 1.61 34.15 3.43
C GLY A 281 2.97 33.75 3.97
N ASN A 282 3.19 32.46 4.24
CA ASN A 282 4.50 32.00 4.75
C ASN A 282 5.38 31.18 3.83
N MET A 283 4.80 30.24 3.10
CA MET A 283 5.55 29.32 2.24
C MET A 283 4.88 29.35 0.87
N ILE A 284 5.75 29.55 -0.13
CA ILE A 284 5.41 29.49 -1.51
C ILE A 284 5.50 28.07 -2.06
N LEU A 285 4.40 27.61 -2.59
CA LEU A 285 4.35 26.27 -3.16
C LEU A 285 4.62 26.37 -4.63
N LEU A 286 5.66 25.71 -5.05
CA LEU A 286 5.99 25.49 -6.45
C LEU A 286 5.78 24.02 -6.81
N GLY A 287 4.79 23.77 -7.64
CA GLY A 287 4.54 22.44 -8.16
C GLY A 287 5.70 21.82 -8.89
N ASP A 288 6.60 22.66 -9.38
CA ASP A 288 7.75 22.18 -10.11
C ASP A 288 9.02 22.69 -9.46
N TYR A 289 9.73 21.83 -8.76
CA TYR A 289 10.96 22.22 -8.10
C TYR A 289 11.82 23.02 -9.06
N ARG A 290 11.76 22.73 -10.34
CA ARG A 290 12.66 23.39 -11.26
C ARG A 290 12.45 24.91 -11.29
N ASN A 291 11.34 25.41 -10.74
CA ASN A 291 11.13 26.83 -10.60
C ASN A 291 11.73 27.53 -9.37
N LEU A 292 12.39 26.77 -8.54
CA LEU A 292 12.91 27.34 -7.31
C LEU A 292 14.04 28.34 -7.58
N PRO A 293 15.01 28.03 -8.46
CA PRO A 293 16.08 29.03 -8.57
C PRO A 293 15.54 30.40 -8.99
N VAL A 294 14.55 30.43 -9.88
CA VAL A 294 14.02 31.74 -10.26
C VAL A 294 13.28 32.39 -9.11
N TYR A 295 12.45 31.61 -8.39
CA TYR A 295 11.71 32.16 -7.25
C TYR A 295 12.63 32.60 -6.10
N TYR A 296 13.71 31.88 -5.88
CA TYR A 296 14.54 32.19 -4.73
C TYR A 296 15.28 33.49 -5.02
N GLU A 297 16.03 33.52 -6.11
CA GLU A 297 16.65 34.74 -6.60
C GLU A 297 15.67 35.92 -6.71
N THR A 298 14.41 35.71 -7.08
CA THR A 298 13.45 36.81 -7.03
C THR A 298 13.31 37.37 -5.64
N LEU A 299 13.24 36.46 -4.66
CA LEU A 299 13.04 36.87 -3.30
C LEU A 299 14.29 37.55 -2.76
N VAL A 300 15.46 37.04 -3.14
CA VAL A 300 16.71 37.69 -2.71
C VAL A 300 16.67 39.13 -3.13
N LYS A 301 16.19 39.35 -4.35
CA LYS A 301 16.15 40.66 -4.95
C LYS A 301 15.19 41.50 -4.18
N LEU A 302 13.96 41.02 -4.03
CA LEU A 302 12.94 41.74 -3.28
C LEU A 302 13.48 42.22 -1.92
N LEU A 303 14.19 41.38 -1.20
CA LEU A 303 14.81 41.85 0.02
C LEU A 303 15.81 43.01 -0.22
N GLU A 304 16.68 42.91 -1.23
CA GLU A 304 17.57 44.02 -1.63
C GLU A 304 16.72 45.27 -2.03
N ASP A 305 15.73 45.11 -2.87
CA ASP A 305 14.86 46.21 -3.26
C ASP A 305 14.22 46.89 -2.06
N GLY A 306 14.14 46.18 -0.94
CA GLY A 306 13.23 46.56 0.14
C GLY A 306 11.75 46.49 -0.24
N LYS A 307 11.41 45.88 -1.38
CA LYS A 307 10.01 45.70 -1.79
C LYS A 307 9.27 44.61 -0.97
N VAL A 308 10.04 43.75 -0.31
CA VAL A 308 9.51 42.84 0.68
C VAL A 308 10.28 43.09 1.94
N GLN A 309 9.53 43.54 2.91
CA GLN A 309 10.03 43.95 4.21
C GLN A 309 10.62 42.75 4.89
N LYS A 310 11.84 42.89 5.38
CA LYS A 310 12.58 41.81 5.99
C LYS A 310 11.88 41.19 7.22
N ASP A 311 11.18 42.00 8.00
CA ASP A 311 10.53 41.45 9.19
C ASP A 311 9.53 40.36 8.73
N LYS A 312 8.91 40.54 7.58
CA LYS A 312 7.90 39.59 7.12
C LYS A 312 8.51 38.22 6.79
N VAL A 313 9.65 38.27 6.13
CA VAL A 313 10.46 37.08 5.94
C VAL A 313 10.87 36.36 7.27
N GLU A 314 11.33 37.08 8.25
CA GLU A 314 11.78 36.43 9.49
C GLU A 314 10.59 35.84 10.26
N ARG A 315 9.45 36.49 10.13
CA ARG A 315 8.27 36.05 10.84
C ARG A 315 7.94 34.67 10.27
N SER A 316 7.85 34.61 8.93
CA SER A 316 7.60 33.36 8.22
C SER A 316 8.68 32.31 8.46
N ILE A 317 9.94 32.66 8.39
CA ILE A 317 10.92 31.68 8.77
C ILE A 317 10.62 31.10 10.15
N ARG A 318 10.38 31.96 11.12
CA ARG A 318 10.08 31.50 12.46
C ARG A 318 8.82 30.59 12.51
N THR A 319 7.74 31.03 11.84
CA THR A 319 6.51 30.21 11.76
C THR A 319 6.84 28.84 11.12
N VAL A 320 7.54 28.86 10.02
CA VAL A 320 7.94 27.62 9.44
C VAL A 320 8.69 26.76 10.45
N GLU A 321 9.68 27.32 11.13
CA GLU A 321 10.54 26.50 12.04
C GLU A 321 9.76 25.96 13.19
N LYS A 322 8.68 26.62 13.50
CA LYS A 322 7.87 26.25 14.61
C LYS A 322 7.10 24.96 14.27
N TYR A 323 6.59 24.91 13.04
CA TYR A 323 5.96 23.68 12.54
C TYR A 323 7.00 22.59 12.31
N LEU A 324 8.15 23.01 11.83
CA LEU A 324 9.19 22.05 11.62
C LEU A 324 9.43 21.34 12.95
N ALA A 325 9.56 22.10 14.03
CA ALA A 325 9.82 21.58 15.38
C ALA A 325 8.81 20.54 15.83
N PHE A 326 7.53 20.72 15.56
CA PHE A 326 6.61 19.71 16.07
C PHE A 326 6.25 18.58 15.10
N ALA A 327 6.65 18.71 13.86
CA ALA A 327 6.51 17.60 12.92
C ALA A 327 7.43 16.40 13.27
N LYS A 328 6.95 15.22 12.92
CA LYS A 328 7.66 13.97 13.22
C LYS A 328 8.87 13.88 12.31
N LYS A 329 9.97 13.38 12.86
CA LYS A 329 11.21 13.37 12.15
C LYS A 329 11.70 11.97 12.19
N ASN A 330 11.24 11.13 11.26
CA ASN A 330 11.73 9.74 11.18
C ASN A 330 12.10 9.33 9.79
N SER A 331 13.15 8.52 9.70
CA SER A 331 13.77 8.08 8.44
C SER A 331 12.73 7.56 7.43
N GLY A 332 11.56 7.17 7.98
CA GLY A 332 10.47 6.54 7.25
C GLY A 332 11.02 5.32 6.57
N VAL A 333 10.78 5.26 5.30
CA VAL A 333 11.02 4.10 4.49
C VAL A 333 12.44 4.14 3.96
N GLY A 334 13.18 5.18 4.31
CA GLY A 334 14.53 5.34 3.79
C GLY A 334 15.47 4.30 4.41
N PHE A 335 15.11 3.81 5.58
CA PHE A 335 15.98 2.84 6.22
C PHE A 335 16.12 1.61 5.37
N LEU A 336 15.08 1.28 4.60
CA LEU A 336 15.12 0.10 3.75
C LEU A 336 16.13 0.23 2.64
N ALA A 337 16.48 1.44 2.26
CA ALA A 337 17.49 1.65 1.22
C ALA A 337 18.86 1.37 1.75
N ASP A 338 19.01 1.57 3.05
CA ASP A 338 20.29 1.36 3.74
C ASP A 338 20.53 -0.14 4.05
N VAL A 339 19.50 -0.77 4.58
CA VAL A 339 19.48 -2.22 4.74
C VAL A 339 19.96 -2.89 3.46
N SER A 340 19.28 -2.59 2.37
CA SER A 340 19.64 -3.09 1.05
C SER A 340 21.09 -2.83 0.69
N MET A 341 21.55 -1.59 0.86
CA MET A 341 22.90 -1.26 0.46
C MET A 341 23.90 -2.05 1.29
N LYS A 342 23.63 -2.22 2.56
CA LYS A 342 24.57 -2.90 3.44
C LYS A 342 24.70 -4.37 3.07
N ALA A 343 23.69 -4.97 2.47
CA ALA A 343 23.79 -6.36 2.09
C ALA A 343 24.55 -6.57 0.82
N VAL A 344 24.86 -5.51 0.07
CA VAL A 344 25.53 -5.71 -1.22
C VAL A 344 27.03 -5.87 -1.03
N GLU A 345 27.62 -6.70 -1.87
CA GLU A 345 29.06 -6.87 -1.98
C GLU A 345 29.53 -6.65 -3.44
N PHE A 346 30.65 -5.93 -3.58
CA PHE A 346 31.39 -5.90 -4.84
C PHE A 346 32.63 -6.80 -4.72
N LEU A 347 32.86 -7.63 -5.73
CA LEU A 347 34.02 -8.53 -5.78
C LEU A 347 34.74 -8.40 -7.12
N GLY A 348 36.04 -8.12 -7.06
CA GLY A 348 36.89 -8.10 -8.24
C GLY A 348 36.96 -6.76 -8.95
N PHE A 349 36.52 -5.70 -8.28
CA PHE A 349 36.62 -4.35 -8.85
C PHE A 349 36.32 -3.27 -7.83
N GLU A 350 36.93 -2.12 -8.07
CA GLU A 350 36.68 -0.93 -7.27
C GLU A 350 35.43 -0.27 -7.82
N LYS A 351 35.38 -0.16 -9.15
CA LYS A 351 34.29 0.52 -9.89
C LYS A 351 34.55 0.46 -11.40
N ILE A 352 33.57 0.95 -12.17
CA ILE A 352 33.72 1.19 -13.62
C ILE A 352 33.03 2.53 -13.94
N ASP A 353 33.27 3.02 -15.16
CA ASP A 353 32.83 4.34 -15.63
C ASP A 353 31.55 4.36 -16.48
N HIS A 354 31.02 5.56 -16.66
CA HIS A 354 29.91 5.81 -17.59
C HIS A 354 30.35 5.46 -19.03
N THR A 355 29.85 4.32 -19.50
CA THR A 355 29.91 3.96 -20.90
C THR A 355 28.52 4.22 -21.39
N SER A 356 28.40 4.97 -22.47
CA SER A 356 27.08 5.36 -22.96
C SER A 356 26.17 4.12 -22.93
N GLU A 357 26.58 3.02 -23.56
CA GLU A 357 25.70 1.83 -23.66
C GLU A 357 26.12 0.63 -22.80
N VAL A 358 25.10 -0.14 -22.38
CA VAL A 358 25.26 -1.45 -21.71
C VAL A 358 24.26 -2.45 -22.21
N THR A 359 24.66 -3.69 -22.35
CA THR A 359 23.69 -4.70 -22.74
C THR A 359 23.34 -5.42 -21.48
N LEU A 360 22.07 -5.70 -21.35
CA LEU A 360 21.54 -6.26 -20.14
C LEU A 360 21.04 -7.65 -20.44
N LEU A 361 21.52 -8.64 -19.70
CA LEU A 361 21.00 -9.99 -19.87
C LEU A 361 20.10 -10.27 -18.71
N VAL A 362 18.81 -10.34 -18.98
CA VAL A 362 17.83 -10.39 -17.92
C VAL A 362 17.07 -11.71 -17.99
N PRO A 363 17.09 -12.46 -16.91
CA PRO A 363 16.48 -13.77 -16.95
C PRO A 363 14.96 -13.70 -16.98
N SER A 364 14.32 -14.65 -17.64
CA SER A 364 12.87 -14.65 -17.79
C SER A 364 12.19 -15.13 -16.52
N SER A 365 10.93 -14.74 -16.40
CA SER A 365 10.20 -14.95 -15.16
C SER A 365 9.73 -16.40 -15.09
N GLU A 366 10.61 -17.29 -14.65
CA GLU A 366 10.30 -18.72 -14.56
C GLU A 366 9.15 -19.05 -13.60
N ASN A 367 9.00 -18.24 -12.55
CA ASN A 367 7.99 -18.51 -11.53
C ASN A 367 6.75 -17.67 -11.70
N LEU A 368 5.59 -18.30 -11.67
CA LEU A 368 4.33 -17.62 -11.86
C LEU A 368 3.39 -17.76 -10.70
N SER A 369 3.89 -18.17 -9.55
CA SER A 369 3.05 -18.26 -8.37
C SER A 369 2.67 -16.85 -7.96
N GLN A 370 1.45 -16.73 -7.46
CA GLN A 370 0.84 -15.42 -7.16
C GLN A 370 1.57 -14.50 -6.19
N ALA A 371 2.21 -15.08 -5.18
CA ALA A 371 2.91 -14.29 -4.16
C ALA A 371 4.38 -14.04 -4.49
N ASP A 372 4.93 -14.80 -5.44
CA ASP A 372 6.29 -14.59 -5.83
C ASP A 372 6.39 -13.35 -6.73
N THR A 373 7.29 -12.43 -6.36
CA THR A 373 7.51 -11.15 -7.04
C THR A 373 8.78 -11.02 -7.90
N THR A 374 9.59 -12.07 -7.90
CA THR A 374 10.78 -12.23 -8.73
C THR A 374 10.62 -11.80 -10.21
N GLY A 375 9.61 -12.35 -10.85
CA GLY A 375 9.29 -12.05 -12.23
C GLY A 375 9.26 -10.57 -12.55
N GLY A 376 8.44 -9.85 -11.80
CA GLY A 376 8.26 -8.41 -12.00
C GLY A 376 9.56 -7.69 -11.70
N ASP A 377 10.26 -8.16 -10.69
CA ASP A 377 11.52 -7.58 -10.36
C ASP A 377 12.42 -7.63 -11.58
N TYR A 378 12.48 -8.76 -12.27
CA TYR A 378 13.28 -8.86 -13.48
C TYR A 378 12.76 -7.95 -14.58
N ASP A 379 11.44 -7.92 -14.78
CA ASP A 379 10.85 -6.98 -15.68
C ASP A 379 11.32 -5.55 -15.42
N GLN A 380 11.49 -5.13 -14.17
CA GLN A 380 11.89 -3.73 -13.87
C GLN A 380 13.35 -3.41 -14.12
N ILE A 381 14.19 -4.42 -14.19
CA ILE A 381 15.62 -4.15 -14.32
C ILE A 381 15.97 -3.16 -15.42
N PRO A 382 15.42 -3.34 -16.63
CA PRO A 382 15.81 -2.37 -17.65
C PRO A 382 15.57 -0.93 -17.24
N GLU A 383 14.41 -0.62 -16.68
CA GLU A 383 14.20 0.78 -16.40
C GLU A 383 15.12 1.28 -15.25
N ILE A 384 15.31 0.47 -14.23
CA ILE A 384 16.27 0.82 -13.18
C ILE A 384 17.62 1.21 -13.76
N VAL A 385 18.19 0.32 -14.56
CA VAL A 385 19.50 0.54 -15.13
C VAL A 385 19.53 1.83 -15.92
N SER A 386 18.44 2.13 -16.59
CA SER A 386 18.39 3.30 -17.47
C SER A 386 18.55 4.59 -16.70
N ARG A 387 18.34 4.57 -15.40
CA ARG A 387 18.68 5.73 -14.59
C ARG A 387 20.18 5.98 -14.54
N PHE A 388 21.00 5.00 -14.85
CA PHE A 388 22.46 5.22 -14.79
C PHE A 388 23.25 5.06 -16.10
N PHE A 389 22.77 4.25 -17.03
CA PHE A 389 23.50 3.97 -18.26
C PHE A 389 22.59 4.25 -19.45
N GLU A 390 23.04 3.96 -20.67
CA GLU A 390 22.10 3.84 -21.83
C GLU A 390 21.96 2.37 -22.22
N VAL A 391 20.85 1.75 -21.84
CA VAL A 391 20.75 0.31 -21.90
C VAL A 391 20.98 -0.12 -23.32
N GLU A 392 20.36 0.58 -24.27
CA GLU A 392 20.64 0.29 -25.67
C GLU A 392 20.11 -1.06 -26.12
N ASN A 393 20.53 -2.11 -25.43
CA ASN A 393 20.07 -3.48 -25.71
C ASN A 393 19.68 -4.27 -24.47
N VAL A 394 18.46 -4.75 -24.48
CA VAL A 394 18.02 -5.77 -23.52
C VAL A 394 17.69 -7.08 -24.23
N VAL A 395 18.29 -8.17 -23.79
CA VAL A 395 17.84 -9.47 -24.25
C VAL A 395 17.54 -10.34 -23.04
N ARG A 396 16.38 -10.98 -23.09
CA ARG A 396 15.93 -11.91 -22.06
C ARG A 396 16.47 -13.30 -22.33
N TYR A 397 16.87 -14.02 -21.30
CA TYR A 397 17.34 -15.39 -21.46
C TYR A 397 16.67 -16.27 -20.45
N THR A 398 16.62 -17.57 -20.70
CA THR A 398 16.04 -18.51 -19.75
C THR A 398 17.12 -19.12 -18.84
N VAL A 399 16.74 -19.40 -17.62
CA VAL A 399 17.68 -19.69 -16.54
C VAL A 399 18.52 -20.95 -16.84
N GLU A 400 17.83 -22.01 -17.24
CA GLU A 400 18.43 -23.35 -17.46
C GLU A 400 19.48 -23.44 -18.60
N ASP A 401 19.29 -22.66 -19.65
CA ASP A 401 20.28 -22.56 -20.74
C ASP A 401 21.41 -21.61 -20.44
N GLY A 402 21.12 -20.56 -19.68
CA GLY A 402 22.03 -19.43 -19.55
C GLY A 402 21.79 -18.50 -20.71
N PRO A 403 22.56 -17.40 -20.80
CA PRO A 403 22.39 -16.36 -21.80
C PRO A 403 23.09 -16.67 -23.10
N GLU A 404 22.56 -16.16 -24.21
CA GLU A 404 23.19 -16.34 -25.53
C GLU A 404 24.27 -15.29 -25.68
N PHE A 405 25.45 -15.72 -26.12
CA PHE A 405 26.57 -14.81 -26.34
C PHE A 405 26.12 -13.54 -27.08
N VAL A 406 26.60 -12.41 -26.59
CA VAL A 406 26.41 -11.15 -27.29
C VAL A 406 27.63 -10.29 -26.95
N GLU A 407 27.81 -9.25 -27.76
CA GLU A 407 28.88 -8.30 -27.59
C GLU A 407 28.29 -6.91 -27.37
N GLY A 408 29.01 -6.10 -26.59
CA GLY A 408 28.64 -4.70 -26.39
C GLY A 408 29.76 -4.03 -25.62
N ASP A 409 29.74 -2.70 -25.54
CA ASP A 409 30.79 -1.96 -24.80
C ASP A 409 30.85 -2.44 -23.37
N LEU A 410 29.67 -2.60 -22.77
CA LEU A 410 29.54 -3.01 -21.38
C LEU A 410 28.36 -3.97 -21.28
N ILE A 411 28.52 -4.99 -20.46
CA ILE A 411 27.49 -6.01 -20.32
C ILE A 411 27.18 -6.37 -18.87
N PHE A 412 25.94 -6.12 -18.45
CA PHE A 412 25.44 -6.62 -17.15
C PHE A 412 24.68 -7.90 -17.31
N ASP A 413 25.12 -8.93 -16.61
CA ASP A 413 24.45 -10.21 -16.67
C ASP A 413 23.80 -10.52 -15.33
N PHE A 414 22.48 -10.42 -15.29
CA PHE A 414 21.78 -10.63 -14.05
C PHE A 414 21.55 -12.11 -13.86
N VAL A 415 22.14 -12.63 -12.79
CA VAL A 415 22.12 -14.06 -12.48
C VAL A 415 21.11 -14.43 -11.40
N ALA A 416 20.22 -15.35 -11.71
CA ALA A 416 19.25 -15.86 -10.72
C ALA A 416 19.83 -17.11 -10.06
N ASP A 417 20.00 -18.16 -10.85
CA ASP A 417 20.72 -19.33 -10.39
C ASP A 417 21.41 -20.03 -11.56
N ILE A 418 22.38 -20.86 -11.19
CA ILE A 418 23.08 -21.68 -12.15
C ILE A 418 22.66 -23.10 -11.84
N PRO A 419 21.78 -23.68 -12.67
CA PRO A 419 21.34 -25.03 -12.37
C PRO A 419 22.21 -26.15 -13.00
N ASN A 420 23.00 -25.85 -14.03
CA ASN A 420 23.70 -26.92 -14.76
C ASN A 420 24.91 -26.45 -15.56
N GLU A 421 25.96 -27.26 -15.54
CA GLU A 421 27.17 -27.01 -16.34
C GLU A 421 26.96 -26.32 -17.71
N LYS A 422 25.87 -26.64 -18.41
CA LYS A 422 25.61 -26.06 -19.74
C LYS A 422 25.46 -24.54 -19.66
N ALA A 423 24.58 -24.12 -18.75
CA ALA A 423 24.31 -22.70 -18.47
C ALA A 423 25.58 -22.02 -17.98
N LEU A 424 26.19 -22.63 -16.97
CA LEU A 424 27.42 -22.09 -16.43
C LEU A 424 28.35 -21.69 -17.57
N LYS A 425 28.50 -22.54 -18.58
CA LYS A 425 29.36 -22.20 -19.70
C LYS A 425 28.88 -20.97 -20.45
N ALA A 426 27.59 -20.97 -20.78
CA ALA A 426 26.99 -19.79 -21.43
C ALA A 426 27.39 -18.48 -20.70
N HIS A 427 27.32 -18.51 -19.37
CA HIS A 427 27.60 -17.34 -18.54
C HIS A 427 29.08 -16.93 -18.64
N LEU A 428 29.99 -17.90 -18.69
CA LEU A 428 31.44 -17.63 -18.70
C LEU A 428 31.99 -17.35 -20.11
N SER A 429 31.23 -17.71 -21.15
CA SER A 429 31.63 -17.39 -22.52
C SER A 429 31.68 -15.91 -22.75
N LEU A 430 31.17 -15.14 -21.80
CA LEU A 430 31.05 -13.69 -21.91
C LEU A 430 32.40 -13.02 -21.57
N PRO A 431 32.70 -11.88 -22.24
CA PRO A 431 34.03 -11.33 -22.02
C PRO A 431 34.25 -10.77 -20.64
N ALA A 432 35.03 -11.50 -19.84
CA ALA A 432 35.33 -11.12 -18.47
C ALA A 432 35.83 -9.67 -18.26
N GLU A 433 36.50 -9.11 -19.26
CA GLU A 433 37.04 -7.74 -19.15
C GLU A 433 35.88 -6.77 -19.02
N LYS A 434 34.78 -7.05 -19.72
CA LYS A 434 33.66 -6.11 -19.74
C LYS A 434 32.25 -6.69 -19.41
N THR A 435 32.17 -7.74 -18.58
CA THR A 435 30.87 -8.09 -17.98
C THR A 435 30.85 -8.03 -16.43
N VAL A 436 29.70 -7.63 -15.91
CA VAL A 436 29.46 -7.58 -14.51
C VAL A 436 28.31 -8.51 -14.21
N TYR A 437 28.56 -9.51 -13.39
CA TYR A 437 27.55 -10.48 -13.06
C TYR A 437 26.91 -10.08 -11.76
N PHE A 438 25.60 -9.95 -11.81
CA PHE A 438 24.83 -9.58 -10.63
C PHE A 438 24.31 -10.88 -10.04
N VAL A 439 24.99 -11.37 -9.01
CA VAL A 439 24.56 -12.58 -8.30
C VAL A 439 23.37 -12.17 -7.44
N LEU A 440 22.17 -12.32 -8.01
CA LEU A 440 20.95 -11.80 -7.37
C LEU A 440 20.39 -12.64 -6.21
N ARG A 441 20.61 -13.95 -6.23
CA ARG A 441 20.01 -14.81 -5.21
C ARG A 441 21.02 -15.39 -4.22
N ASN A 442 21.59 -16.54 -4.52
CA ASN A 442 22.45 -17.18 -3.56
C ASN A 442 23.88 -16.77 -3.79
N PRO A 443 24.52 -16.15 -2.78
CA PRO A 443 25.92 -15.69 -2.89
C PRO A 443 26.90 -16.80 -3.21
N PHE A 444 26.60 -18.04 -2.79
CA PHE A 444 27.48 -19.19 -3.07
C PHE A 444 27.58 -19.51 -4.57
N ASP A 445 26.88 -18.73 -5.40
CA ASP A 445 27.11 -18.73 -6.85
C ASP A 445 28.35 -17.95 -7.23
N VAL A 446 28.94 -17.23 -6.27
CA VAL A 446 30.20 -16.52 -6.51
C VAL A 446 31.29 -17.51 -6.93
N ARG A 447 31.32 -18.64 -6.21
CA ARG A 447 32.18 -19.77 -6.52
C ARG A 447 32.31 -20.00 -8.04
N TYR A 448 31.20 -19.90 -8.76
CA TYR A 448 31.20 -20.10 -10.20
C TYR A 448 31.87 -19.01 -11.00
N PHE A 449 32.35 -17.95 -10.34
CA PHE A 449 33.02 -16.87 -11.06
C PHE A 449 34.32 -16.43 -10.42
N GLU A 450 35.26 -17.37 -10.30
CA GLU A 450 36.54 -17.09 -9.63
C GLU A 450 37.40 -16.22 -10.54
N GLY A 451 37.65 -15.02 -10.03
CA GLY A 451 38.44 -14.02 -10.72
C GLY A 451 37.66 -13.26 -11.77
N ARG A 452 36.41 -12.93 -11.46
CA ARG A 452 35.60 -12.13 -12.39
C ARG A 452 34.87 -11.02 -11.62
N LYS A 453 34.26 -10.10 -12.35
CA LYS A 453 33.63 -8.92 -11.75
C LYS A 453 32.22 -9.26 -11.28
N ILE A 454 32.00 -9.18 -9.97
CA ILE A 454 30.71 -9.62 -9.39
C ILE A 454 30.05 -8.61 -8.44
N VAL A 455 28.74 -8.48 -8.61
CA VAL A 455 27.91 -7.72 -7.66
C VAL A 455 27.04 -8.73 -6.95
N VAL A 456 27.18 -8.78 -5.64
CA VAL A 456 26.31 -9.61 -4.88
C VAL A 456 25.35 -8.75 -4.11
N THR A 457 24.14 -8.66 -4.65
CA THR A 457 22.99 -8.25 -3.88
C THR A 457 22.59 -9.51 -3.11
N ARG A 458 21.80 -9.38 -2.07
CA ARG A 458 21.19 -10.60 -1.53
C ARG A 458 19.68 -10.51 -1.74
N SER A 459 19.29 -10.08 -2.95
CA SER A 459 17.89 -9.91 -3.30
C SER A 459 17.77 -9.50 -4.76
N THR A 460 16.57 -9.75 -5.26
CA THR A 460 16.17 -9.46 -6.61
C THR A 460 15.38 -8.15 -6.68
N LYS A 461 15.20 -7.52 -5.53
CA LYS A 461 14.42 -6.33 -5.44
C LYS A 461 15.08 -5.12 -6.13
N PRO A 462 14.29 -4.25 -6.76
CA PRO A 462 14.67 -3.06 -7.49
C PRO A 462 15.58 -2.19 -6.70
N ILE A 463 15.21 -1.98 -5.45
CA ILE A 463 16.04 -1.17 -4.58
C ILE A 463 17.46 -1.70 -4.42
N SER A 464 17.63 -3.00 -4.23
CA SER A 464 18.98 -3.55 -4.11
C SER A 464 19.74 -3.26 -5.39
N ILE A 465 19.09 -3.42 -6.53
CA ILE A 465 19.78 -3.23 -7.80
C ILE A 465 20.11 -1.74 -7.97
N TYR A 466 19.11 -0.90 -7.77
CA TYR A 466 19.26 0.51 -7.80
C TYR A 466 20.46 1.01 -6.97
N LYS A 467 20.54 0.62 -5.69
CA LYS A 467 21.67 1.06 -4.85
C LYS A 467 23.01 0.61 -5.38
N SER A 468 23.11 -0.62 -5.86
CA SER A 468 24.35 -1.12 -6.47
C SER A 468 24.90 -0.20 -7.54
N LEU A 469 24.08 0.10 -8.51
CA LEU A 469 24.54 0.89 -9.65
C LEU A 469 25.01 2.29 -9.22
N GLU A 470 24.24 2.81 -8.28
CA GLU A 470 24.48 4.11 -7.65
C GLU A 470 25.87 4.15 -7.01
N HIS A 471 26.31 3.01 -6.50
CA HIS A 471 27.67 2.81 -6.02
C HIS A 471 28.63 2.33 -7.17
N PHE A 472 28.22 2.50 -8.43
CA PHE A 472 28.98 2.06 -9.64
C PHE A 472 29.76 0.77 -9.45
N ASP B 15 -17.89 -25.54 17.44
CA ASP B 15 -16.71 -25.84 18.30
C ASP B 15 -15.44 -26.12 17.47
N LEU B 16 -15.51 -27.11 16.58
CA LEU B 16 -14.35 -27.69 15.87
C LEU B 16 -13.98 -26.99 14.54
N GLY B 17 -14.72 -25.93 14.20
CA GLY B 17 -14.25 -24.96 13.22
C GLY B 17 -12.92 -24.35 13.64
N LYS B 18 -12.70 -24.27 14.96
CA LYS B 18 -11.41 -23.85 15.53
C LYS B 18 -10.21 -24.63 14.99
N LEU B 19 -10.42 -25.83 14.48
CA LEU B 19 -9.30 -26.66 14.02
C LEU B 19 -8.82 -26.40 12.61
N PHE B 20 -9.50 -25.48 11.92
CA PHE B 20 -9.23 -25.29 10.53
C PHE B 20 -8.81 -23.88 10.12
N PHE B 21 -7.77 -23.85 9.28
CA PHE B 21 -7.27 -22.69 8.60
C PHE B 21 -7.44 -22.85 7.06
N CYS B 22 -8.14 -21.92 6.42
CA CYS B 22 -8.52 -22.07 5.02
C CYS B 22 -8.07 -20.89 4.21
N GLY B 23 -7.53 -21.19 3.02
CA GLY B 23 -7.05 -20.18 2.07
C GLY B 23 -8.17 -19.78 1.14
N PHE B 24 -8.31 -18.48 0.91
CA PHE B 24 -9.29 -17.93 -0.03
C PHE B 24 -8.65 -17.01 -1.06
N ASN B 25 -8.88 -17.36 -2.32
CA ASN B 25 -8.40 -16.59 -3.44
C ASN B 25 -9.52 -15.80 -4.06
N ASP B 26 -10.71 -15.85 -3.45
CA ASP B 26 -11.83 -15.06 -3.94
C ASP B 26 -12.82 -14.81 -2.80
N PHE B 27 -13.80 -13.96 -3.08
CA PHE B 27 -14.85 -13.68 -2.13
C PHE B 27 -16.22 -13.56 -2.84
N ASN B 28 -17.15 -14.41 -2.43
CA ASN B 28 -18.40 -14.56 -3.12
C ASN B 28 -19.36 -15.38 -2.28
N GLU B 29 -20.54 -15.68 -2.84
CA GLU B 29 -21.58 -16.33 -2.07
C GLU B 29 -21.16 -17.72 -1.56
N GLU B 30 -20.32 -18.41 -2.30
CA GLU B 30 -19.86 -19.73 -1.88
C GLU B 30 -18.95 -19.58 -0.64
N VAL B 31 -18.02 -18.63 -0.72
CA VAL B 31 -17.05 -18.40 0.34
C VAL B 31 -17.75 -18.07 1.64
N LYS B 32 -18.68 -17.13 1.55
CA LYS B 32 -19.53 -16.77 2.69
C LYS B 32 -20.29 -17.97 3.25
N GLU B 33 -20.74 -18.87 2.37
CA GLU B 33 -21.55 -20.01 2.81
C GLU B 33 -20.72 -21.04 3.59
N ILE B 34 -19.55 -21.42 3.07
CA ILE B 34 -18.63 -22.27 3.79
C ILE B 34 -18.39 -21.67 5.13
N ILE B 35 -18.18 -20.35 5.18
CA ILE B 35 -17.73 -19.72 6.43
C ILE B 35 -18.82 -19.75 7.47
N ARG B 36 -20.04 -19.42 7.08
CA ARG B 36 -21.16 -19.49 8.03
C ARG B 36 -21.45 -20.94 8.44
N LYS B 37 -21.38 -21.88 7.50
CA LYS B 37 -21.77 -23.27 7.76
C LYS B 37 -20.83 -23.95 8.74
N TYR B 38 -19.57 -24.07 8.34
CA TYR B 38 -18.52 -24.54 9.23
C TYR B 38 -17.98 -23.21 9.68
N ARG B 39 -17.24 -23.13 10.76
CA ARG B 39 -16.87 -21.79 11.19
C ARG B 39 -15.38 -21.78 11.35
N PRO B 40 -14.70 -21.82 10.21
CA PRO B 40 -13.26 -21.99 10.26
C PRO B 40 -12.69 -20.80 11.00
N THR B 41 -11.65 -21.01 11.80
CA THR B 41 -11.12 -19.93 12.62
C THR B 41 -10.13 -19.13 11.76
N GLY B 42 -9.28 -19.86 11.05
CA GLY B 42 -8.20 -19.29 10.24
C GLY B 42 -8.60 -18.93 8.82
N ILE B 43 -8.50 -17.65 8.48
CA ILE B 43 -8.83 -17.16 7.15
C ILE B 43 -7.50 -16.73 6.59
N LEU B 44 -6.96 -17.46 5.62
CA LEU B 44 -5.73 -17.05 4.93
C LEU B 44 -6.12 -16.38 3.61
N ILE B 45 -5.74 -15.12 3.39
CA ILE B 45 -6.21 -14.37 2.19
C ILE B 45 -5.14 -14.26 1.14
N TYR B 46 -5.48 -14.64 -0.10
CA TYR B 46 -4.53 -14.66 -1.19
C TYR B 46 -4.70 -13.50 -2.19
N PRO B 47 -3.69 -13.32 -3.07
CA PRO B 47 -3.67 -12.18 -3.98
C PRO B 47 -4.97 -11.98 -4.77
N GLY B 48 -5.72 -13.05 -4.95
CA GLY B 48 -7.02 -12.97 -5.62
C GLY B 48 -7.95 -12.03 -4.90
N VAL B 49 -7.83 -11.90 -3.59
CA VAL B 49 -8.63 -10.91 -2.84
C VAL B 49 -7.82 -9.64 -2.57
N LEU B 50 -6.57 -9.81 -2.11
CA LEU B 50 -5.71 -8.65 -1.77
C LEU B 50 -5.61 -7.69 -2.93
N SER B 51 -5.35 -8.22 -4.10
CA SER B 51 -5.21 -7.35 -5.26
C SER B 51 -6.49 -6.66 -5.68
N LYS B 52 -7.61 -6.90 -5.04
CA LYS B 52 -8.83 -6.21 -5.42
C LYS B 52 -9.36 -5.57 -4.14
N GLU B 53 -8.86 -4.41 -3.86
CA GLU B 53 -9.09 -3.86 -2.56
C GLU B 53 -10.58 -3.86 -2.14
N TYR B 54 -11.50 -3.52 -3.02
CA TYR B 54 -12.88 -3.48 -2.59
C TYR B 54 -13.34 -4.86 -2.13
N LEU B 55 -12.88 -5.94 -2.74
CA LEU B 55 -13.16 -7.27 -2.17
C LEU B 55 -12.54 -7.44 -0.79
N LEU B 56 -11.25 -7.14 -0.68
CA LEU B 56 -10.60 -7.22 0.61
C LEU B 56 -11.43 -6.52 1.66
N MET B 57 -11.97 -5.36 1.32
CA MET B 57 -12.80 -4.64 2.26
C MET B 57 -14.09 -5.36 2.61
N ASP B 58 -14.80 -5.87 1.63
CA ASP B 58 -16.08 -6.51 1.94
C ASP B 58 -15.83 -7.79 2.67
N PHE B 59 -14.71 -8.45 2.38
CA PHE B 59 -14.39 -9.68 3.07
C PHE B 59 -14.14 -9.39 4.54
N MET B 60 -13.45 -8.32 4.86
CA MET B 60 -13.12 -8.02 6.26
C MET B 60 -14.38 -7.56 6.97
N SER B 61 -15.21 -6.80 6.28
CA SER B 61 -16.48 -6.39 6.84
C SER B 61 -17.36 -7.59 7.18
N PHE B 62 -17.43 -8.55 6.28
CA PHE B 62 -18.10 -9.81 6.51
C PHE B 62 -17.49 -10.56 7.70
N LEU B 63 -16.19 -10.73 7.74
CA LEU B 63 -15.62 -11.53 8.80
C LEU B 63 -15.94 -10.85 10.10
N SER B 64 -16.00 -9.55 10.02
CA SER B 64 -16.12 -8.77 11.23
C SER B 64 -17.48 -9.01 11.87
N LYS B 65 -18.53 -8.84 11.07
CA LYS B 65 -19.91 -9.14 11.46
C LYS B 65 -20.16 -10.62 11.88
N GLU B 66 -19.39 -11.56 11.33
CA GLU B 66 -19.60 -13.01 11.52
C GLU B 66 -18.93 -13.64 12.71
N GLY B 67 -17.84 -13.08 13.21
CA GLY B 67 -17.13 -13.71 14.32
C GLY B 67 -15.69 -13.30 14.61
N ASP B 68 -14.97 -14.22 15.20
CA ASP B 68 -13.70 -13.89 15.74
C ASP B 68 -12.74 -14.86 15.07
N PHE B 69 -11.84 -14.33 14.22
CA PHE B 69 -10.91 -15.16 13.42
C PHE B 69 -9.45 -14.77 13.53
N LEU B 70 -8.63 -15.67 13.01
CA LEU B 70 -7.25 -15.43 12.81
C LEU B 70 -7.10 -15.18 11.34
N ILE B 71 -6.80 -13.93 10.98
CA ILE B 71 -6.73 -13.45 9.60
C ILE B 71 -5.29 -13.21 9.23
N SER B 72 -4.80 -13.97 8.26
CA SER B 72 -3.38 -13.94 7.97
C SER B 72 -3.12 -13.83 6.47
N SER B 73 -1.82 -13.71 6.11
CA SER B 73 -1.38 -13.59 4.76
C SER B 73 0.05 -14.16 4.72
N ASP B 74 0.60 -14.39 3.51
CA ASP B 74 1.95 -14.86 3.33
C ASP B 74 2.91 -13.73 3.05
N HIS B 75 2.63 -12.57 3.61
CA HIS B 75 3.50 -11.45 3.35
C HIS B 75 4.78 -11.57 4.16
N GLU B 76 5.71 -12.34 3.66
CA GLU B 76 7.02 -12.49 4.27
C GLU B 76 7.87 -11.23 4.13
N GLY B 77 7.78 -10.57 2.98
CA GLY B 77 8.69 -9.48 2.63
C GLY B 77 9.76 -10.06 1.71
N GLY B 78 10.25 -9.27 0.79
CA GLY B 78 11.23 -9.76 -0.15
C GLY B 78 10.49 -10.49 -1.23
N GLN B 79 10.99 -11.70 -1.55
CA GLN B 79 10.47 -12.58 -2.58
C GLN B 79 8.95 -12.77 -2.57
N LEU B 80 8.38 -12.95 -1.38
CA LEU B 80 6.98 -13.21 -1.27
C LEU B 80 6.34 -12.00 -0.68
N GLU B 81 5.59 -11.27 -1.49
CA GLU B 81 4.93 -10.05 -1.04
C GLU B 81 3.57 -9.98 -1.69
N VAL B 82 2.55 -9.72 -0.90
CA VAL B 82 1.16 -9.80 -1.33
C VAL B 82 0.29 -8.63 -0.87
N LEU B 83 0.78 -7.80 0.02
CA LEU B 83 0.02 -6.69 0.56
C LEU B 83 0.56 -5.40 -0.01
N LYS B 84 -0.26 -4.66 -0.74
CA LYS B 84 0.20 -3.39 -1.31
C LYS B 84 0.58 -2.37 -0.25
N TYR B 85 -0.06 -2.46 0.90
CA TYR B 85 0.08 -1.53 2.01
C TYR B 85 1.44 -1.54 2.72
N VAL B 86 2.21 -2.57 2.57
CA VAL B 86 3.42 -2.69 3.33
C VAL B 86 4.55 -2.31 2.44
N PRO B 87 5.44 -1.46 2.94
CA PRO B 87 6.58 -1.15 2.13
C PRO B 87 7.30 -2.39 1.80
N SER B 88 7.70 -2.53 0.57
CA SER B 88 8.48 -3.64 0.13
C SER B 88 9.79 -3.68 0.86
N SER B 89 10.38 -4.86 0.89
CA SER B 89 11.52 -5.23 1.71
C SER B 89 12.49 -5.91 0.77
N PRO B 90 13.79 -5.77 0.98
CA PRO B 90 14.59 -6.59 0.12
C PRO B 90 14.55 -8.08 0.46
N GLY B 91 14.00 -8.47 1.62
CA GLY B 91 14.03 -9.87 2.06
C GLY B 91 15.07 -10.30 3.15
N ASN B 92 14.69 -11.35 3.89
CA ASN B 92 15.48 -11.92 4.99
C ASN B 92 16.97 -12.14 4.75
N LEU B 93 17.37 -12.52 3.55
CA LEU B 93 18.81 -12.73 3.30
C LEU B 93 19.54 -11.39 3.37
N ALA B 94 19.01 -10.40 2.69
CA ALA B 94 19.51 -9.04 2.85
C ALA B 94 19.53 -8.58 4.31
N PHE B 95 18.44 -8.78 5.02
CA PHE B 95 18.34 -8.35 6.39
C PHE B 95 19.29 -9.10 7.31
N GLY B 96 19.64 -10.32 6.93
CA GLY B 96 20.59 -11.13 7.65
C GLY B 96 22.00 -10.56 7.70
N LYS B 97 22.32 -9.66 6.79
CA LYS B 97 23.60 -8.98 6.87
C LYS B 97 23.45 -7.62 7.55
N ASN B 98 22.36 -7.43 8.29
CA ASN B 98 22.08 -6.16 8.96
C ASN B 98 21.91 -6.34 10.46
N SER B 99 21.95 -5.26 11.20
CA SER B 99 21.63 -5.36 12.58
C SER B 99 20.23 -6.01 12.72
N PRO B 100 20.09 -6.96 13.66
CA PRO B 100 18.81 -7.50 14.05
C PRO B 100 17.77 -6.47 14.45
N ASP B 101 18.24 -5.33 14.92
CA ASP B 101 17.38 -4.22 15.26
C ASP B 101 16.54 -3.78 14.04
N VAL B 102 17.14 -3.78 12.85
CA VAL B 102 16.41 -3.30 11.66
C VAL B 102 15.27 -4.28 11.28
N THR B 103 15.53 -5.56 11.54
CA THR B 103 14.59 -6.61 11.29
C THR B 103 13.39 -6.42 12.20
N TYR B 104 13.70 -6.17 13.47
CA TYR B 104 12.69 -5.80 14.46
C TYR B 104 11.86 -4.63 13.89
N ARG B 105 12.58 -3.64 13.37
CA ARG B 105 12.03 -2.38 12.88
C ARG B 105 11.05 -2.63 11.76
N TYR B 106 11.49 -3.39 10.75
CA TYR B 106 10.65 -3.73 9.59
C TYR B 106 9.40 -4.47 10.04
N SER B 107 9.64 -5.56 10.79
CA SER B 107 8.58 -6.40 11.29
C SER B 107 7.55 -5.60 11.99
N ARG B 108 7.97 -4.60 12.75
CA ARG B 108 7.04 -3.75 13.48
C ARG B 108 6.20 -2.88 12.54
N VAL B 109 6.86 -2.26 11.55
CA VAL B 109 6.06 -1.43 10.64
C VAL B 109 5.15 -2.34 9.84
N ALA B 110 5.66 -3.50 9.44
CA ALA B 110 4.82 -4.46 8.69
C ALA B 110 3.65 -4.91 9.52
N GLY B 111 3.94 -5.29 10.75
CA GLY B 111 2.91 -5.63 11.72
C GLY B 111 1.86 -4.54 11.93
N LYS B 112 2.32 -3.31 12.11
CA LYS B 112 1.41 -2.24 12.46
C LYS B 112 0.48 -1.99 11.26
N ILE B 113 1.02 -2.05 10.06
CA ILE B 113 0.18 -1.94 8.88
C ILE B 113 -0.81 -3.13 8.70
N MET B 114 -0.35 -4.34 8.92
CA MET B 114 -1.24 -5.47 8.80
C MET B 114 -2.42 -5.25 9.72
N GLU B 115 -2.10 -4.72 10.88
CA GLU B 115 -3.09 -4.53 11.89
C GLU B 115 -4.19 -3.56 11.52
N ILE B 116 -3.76 -2.45 10.93
CA ILE B 116 -4.66 -1.40 10.49
C ILE B 116 -5.56 -1.96 9.40
N VAL B 117 -5.00 -2.82 8.58
CA VAL B 117 -5.69 -3.38 7.44
C VAL B 117 -6.71 -4.39 7.93
N GLY B 118 -6.35 -5.12 8.99
CA GLY B 118 -7.26 -6.02 9.64
C GLY B 118 -6.72 -7.42 9.81
N LEU B 119 -5.51 -7.65 9.37
CA LEU B 119 -4.86 -8.89 9.64
C LEU B 119 -4.42 -8.93 11.10
N ASN B 120 -4.47 -10.11 11.70
CA ASN B 120 -4.01 -10.28 13.07
C ASN B 120 -3.00 -11.42 13.21
N MET B 121 -2.46 -11.89 12.10
CA MET B 121 -1.47 -12.93 12.09
C MET B 121 -0.74 -12.83 10.78
N VAL B 122 0.49 -13.35 10.73
CA VAL B 122 1.21 -13.47 9.48
C VAL B 122 2.02 -14.75 9.40
N PHE B 123 2.11 -15.32 8.22
CA PHE B 123 2.93 -16.48 8.09
C PHE B 123 4.37 -16.11 7.88
N ALA B 124 4.95 -15.47 8.86
CA ALA B 124 6.39 -15.27 8.83
C ALA B 124 6.85 -15.20 10.29
N PRO B 125 8.15 -15.33 10.55
CA PRO B 125 9.25 -15.49 9.62
C PRO B 125 9.60 -16.90 9.29
N VAL B 126 10.30 -17.01 8.17
CA VAL B 126 10.93 -18.20 7.78
C VAL B 126 12.19 -18.28 8.63
N LEU B 127 12.26 -19.32 9.46
CA LEU B 127 13.48 -19.69 10.19
C LEU B 127 14.28 -20.81 9.54
N ASP B 128 13.93 -21.17 8.31
CA ASP B 128 14.67 -22.19 7.58
C ASP B 128 16.07 -21.73 7.21
N LEU B 129 17.01 -22.67 7.24
CA LEU B 129 18.39 -22.33 6.98
C LEU B 129 18.65 -22.32 5.47
N LEU B 130 19.63 -21.52 5.06
CA LEU B 130 20.14 -21.55 3.69
C LEU B 130 21.21 -22.64 3.59
N SER B 131 21.06 -23.55 2.62
CA SER B 131 22.03 -24.63 2.37
C SER B 131 21.84 -25.24 0.97
N ASP B 139 16.59 -19.78 -0.53
CA ASP B 139 17.79 -18.91 -0.48
C ASP B 139 17.52 -17.46 -0.02
N ILE B 140 16.87 -16.63 -0.85
CA ILE B 140 16.61 -15.23 -0.46
C ILE B 140 15.55 -15.07 0.61
N ARG B 141 14.76 -16.10 0.83
CA ARG B 141 13.76 -16.13 1.89
C ARG B 141 14.24 -16.53 3.28
N SER B 142 15.52 -16.88 3.39
CA SER B 142 16.11 -17.27 4.66
C SER B 142 16.96 -16.11 5.13
N TYR B 143 17.06 -15.94 6.44
CA TYR B 143 18.00 -14.98 6.98
C TYR B 143 19.44 -15.28 6.60
N GLY B 144 19.78 -16.56 6.41
CA GLY B 144 21.13 -16.92 5.98
C GLY B 144 21.52 -18.32 6.39
N SER B 145 22.81 -18.62 6.38
CA SER B 145 23.28 -19.99 6.70
C SER B 145 23.73 -20.19 8.16
N ASP B 146 24.35 -19.19 8.77
CA ASP B 146 24.76 -19.31 10.17
C ASP B 146 23.52 -19.28 11.06
N PRO B 147 23.23 -20.39 11.77
CA PRO B 147 22.01 -20.47 12.59
C PRO B 147 21.91 -19.47 13.73
N LYS B 148 23.06 -19.04 14.21
CA LYS B 148 23.18 -18.03 15.26
C LYS B 148 22.39 -16.80 14.80
N ILE B 149 22.79 -16.32 13.62
CA ILE B 149 22.25 -15.14 12.97
C ILE B 149 20.73 -15.26 12.72
N VAL B 150 20.36 -16.41 12.19
CA VAL B 150 18.96 -16.71 11.93
C VAL B 150 18.13 -16.63 13.21
N ALA B 151 18.71 -17.10 14.31
CA ALA B 151 18.02 -17.11 15.58
C ALA B 151 17.71 -15.69 16.00
N GLU B 152 18.75 -14.86 16.00
CA GLU B 152 18.60 -13.48 16.39
C GLU B 152 17.56 -12.81 15.54
N HIS B 153 17.76 -12.84 14.23
CA HIS B 153 16.83 -12.12 13.38
C HIS B 153 15.40 -12.64 13.57
N GLY B 154 15.26 -13.95 13.71
CA GLY B 154 13.95 -14.55 13.89
C GLY B 154 13.19 -14.05 15.11
N ALA B 155 13.92 -13.86 16.20
CA ALA B 155 13.27 -13.48 17.45
C ALA B 155 12.98 -12.01 17.37
N ARG B 156 13.95 -11.24 16.91
CA ARG B 156 13.70 -9.81 16.66
C ARG B 156 12.45 -9.61 15.78
N ALA B 157 12.31 -10.45 14.75
CA ALA B 157 11.20 -10.37 13.84
C ALA B 157 9.90 -10.68 14.52
N CYS B 158 9.92 -11.75 15.31
CA CYS B 158 8.71 -12.12 16.01
C CYS B 158 8.32 -10.99 16.97
N GLU B 159 9.30 -10.44 17.68
CA GLU B 159 9.07 -9.32 18.58
C GLU B 159 8.44 -8.15 17.83
N GLY B 160 9.05 -7.79 16.70
CA GLY B 160 8.54 -6.73 15.82
C GLY B 160 7.07 -6.91 15.47
N TYR B 161 6.74 -8.08 14.95
CA TYR B 161 5.38 -8.32 14.51
C TYR B 161 4.42 -8.27 15.70
N LEU B 162 4.83 -8.74 16.85
CA LEU B 162 3.90 -8.69 17.99
C LEU B 162 3.73 -7.26 18.47
N GLU B 163 4.83 -6.50 18.47
CA GLU B 163 4.76 -5.12 18.93
C GLU B 163 3.74 -4.44 18.03
N GLY B 164 3.81 -4.73 16.72
CA GLY B 164 2.94 -4.08 15.72
C GLY B 164 1.46 -4.48 15.77
N GLY B 165 1.19 -5.69 16.24
CA GLY B 165 -0.21 -6.10 16.36
C GLY B 165 -0.54 -7.42 15.72
N VAL B 166 0.44 -8.15 15.21
CA VAL B 166 0.14 -9.44 14.63
C VAL B 166 0.95 -10.58 15.25
N ILE B 167 0.28 -11.72 15.34
CA ILE B 167 0.90 -12.93 15.82
C ILE B 167 1.63 -13.54 14.65
N PRO B 168 2.93 -13.81 14.83
CA PRO B 168 3.67 -14.41 13.75
C PRO B 168 3.58 -15.88 13.79
N CYS B 169 4.07 -16.46 12.72
CA CYS B 169 4.15 -17.88 12.57
C CYS B 169 5.54 -18.32 12.06
N ILE B 170 6.37 -18.86 12.93
CA ILE B 170 7.68 -19.33 12.47
C ILE B 170 7.51 -20.60 11.65
N LYS B 171 8.36 -20.75 10.64
CA LYS B 171 8.22 -21.85 9.72
C LYS B 171 9.56 -22.19 9.06
N HIS B 172 9.74 -23.43 8.59
CA HIS B 172 8.82 -24.58 8.79
C HIS B 172 9.46 -25.55 9.74
N PHE B 173 8.72 -25.91 10.79
CA PHE B 173 9.31 -26.71 11.86
C PHE B 173 9.49 -28.20 11.46
N PRO B 174 10.69 -28.77 11.71
CA PRO B 174 11.89 -28.24 12.37
C PRO B 174 12.93 -27.67 11.44
N GLY B 175 12.52 -27.34 10.22
CA GLY B 175 13.44 -26.72 9.28
C GLY B 175 13.60 -27.43 7.95
N HIS B 176 13.22 -26.72 6.90
CA HIS B 176 13.27 -27.17 5.54
C HIS B 176 14.63 -26.98 4.90
N GLY B 177 15.52 -26.26 5.54
CA GLY B 177 16.74 -25.84 4.86
C GLY B 177 17.48 -26.94 4.13
N LYS B 178 17.54 -28.14 4.72
CA LYS B 178 18.41 -29.19 4.17
C LYS B 178 17.68 -30.14 3.23
N ALA B 179 16.43 -29.85 2.88
CA ALA B 179 15.58 -30.77 2.17
C ALA B 179 16.17 -31.11 0.82
N ARG B 180 16.33 -32.42 0.63
CA ARG B 180 16.87 -33.05 -0.59
C ARG B 180 15.72 -33.55 -1.45
N GLU B 181 15.69 -32.99 -2.66
CA GLU B 181 14.49 -32.96 -3.48
C GLU B 181 14.51 -34.11 -4.49
N THR B 186 8.51 -37.15 -4.26
CA THR B 186 7.54 -36.08 -3.95
C THR B 186 7.75 -35.44 -2.55
N LEU B 187 8.06 -36.32 -1.58
CA LEU B 187 8.25 -36.00 -0.16
C LEU B 187 9.72 -35.88 0.21
N PRO B 188 10.21 -34.65 0.43
CA PRO B 188 11.67 -34.53 0.56
C PRO B 188 12.16 -35.19 1.83
N VAL B 189 13.46 -35.51 1.85
CA VAL B 189 14.10 -36.16 2.98
C VAL B 189 15.31 -35.36 3.48
N VAL B 190 15.40 -35.28 4.81
CA VAL B 190 16.58 -34.83 5.50
C VAL B 190 17.07 -35.99 6.37
N ASP B 191 18.32 -36.37 6.13
CA ASP B 191 18.91 -37.56 6.77
C ASP B 191 19.97 -37.20 7.80
N ALA B 192 20.00 -35.94 8.21
CA ALA B 192 21.03 -35.47 9.12
C ALA B 192 20.83 -36.08 10.51
N PRO B 193 21.93 -36.42 11.17
CA PRO B 193 21.86 -36.84 12.55
C PRO B 193 21.06 -35.84 13.39
N PHE B 194 20.07 -36.33 14.13
CA PHE B 194 19.31 -35.47 15.03
C PHE B 194 20.14 -34.46 15.81
N GLU B 195 21.40 -34.76 16.05
CA GLU B 195 22.24 -33.84 16.77
C GLU B 195 22.57 -32.64 15.87
N LYS B 196 22.90 -32.89 14.62
CA LYS B 196 23.12 -31.78 13.68
C LYS B 196 21.88 -30.91 13.61
N LEU B 197 20.72 -31.55 13.46
CA LEU B 197 19.43 -30.88 13.55
C LEU B 197 19.25 -29.96 14.74
N TRP B 198 19.50 -30.52 15.91
CA TRP B 198 19.29 -29.81 17.18
C TRP B 198 20.23 -28.61 17.26
N GLU B 199 21.47 -28.86 16.91
CA GLU B 199 22.50 -27.83 16.85
C GLU B 199 22.32 -26.77 15.77
N GLU B 200 21.74 -27.13 14.62
CA GLU B 200 21.66 -26.19 13.47
C GLU B 200 20.23 -25.70 13.17
N ASP B 201 19.45 -26.51 12.49
CA ASP B 201 18.12 -26.10 12.02
C ASP B 201 17.12 -25.70 13.11
N LEU B 202 17.20 -26.36 14.27
CA LEU B 202 16.26 -26.11 15.36
C LEU B 202 16.75 -24.98 16.24
N LEU B 203 18.02 -24.63 16.12
CA LEU B 203 18.56 -23.56 16.93
C LEU B 203 17.61 -22.36 16.95
N PRO B 204 17.28 -21.78 15.76
CA PRO B 204 16.34 -20.67 15.72
C PRO B 204 14.97 -20.94 16.31
N PHE B 205 14.46 -22.16 16.15
CA PHE B 205 13.11 -22.49 16.66
C PHE B 205 13.11 -22.49 18.19
N ARG B 206 14.26 -22.88 18.75
CA ARG B 206 14.43 -22.95 20.19
C ARG B 206 14.51 -21.56 20.72
N LYS B 207 15.36 -20.75 20.09
CA LYS B 207 15.59 -19.39 20.56
C LYS B 207 14.30 -18.57 20.54
N VAL B 208 13.59 -18.56 19.42
CA VAL B 208 12.32 -17.80 19.37
C VAL B 208 11.32 -18.34 20.37
N LEU B 209 11.25 -19.67 20.46
CA LEU B 209 10.11 -20.33 21.15
C LEU B 209 10.16 -20.22 22.67
N GLU B 210 11.35 -20.18 23.24
CA GLU B 210 11.48 -20.01 24.68
C GLU B 210 11.59 -18.53 25.13
N ARG B 211 11.66 -17.63 24.17
CA ARG B 211 11.57 -16.21 24.44
C ARG B 211 10.14 -15.65 24.23
N GLU B 212 9.36 -16.24 23.33
CA GLU B 212 8.09 -15.62 22.91
C GLU B 212 6.99 -16.66 22.89
N LYS B 213 6.30 -16.82 23.99
CA LYS B 213 5.21 -17.78 24.04
C LYS B 213 4.06 -17.43 23.07
N LYS B 214 3.93 -16.14 22.70
CA LYS B 214 2.78 -15.65 21.91
C LYS B 214 2.84 -15.91 20.38
N VAL B 215 3.97 -16.44 19.95
CA VAL B 215 4.16 -17.02 18.61
C VAL B 215 3.32 -18.27 18.23
N THR B 216 3.12 -18.46 16.91
CA THR B 216 2.69 -19.76 16.37
C THR B 216 3.76 -20.44 15.52
N VAL B 217 3.59 -21.74 15.31
CA VAL B 217 4.55 -22.58 14.60
C VAL B 217 3.92 -23.38 13.44
N MET B 218 4.54 -23.29 12.28
CA MET B 218 4.05 -24.07 11.16
C MET B 218 5.02 -25.21 10.93
N THR B 219 4.40 -26.31 10.59
CA THR B 219 5.05 -27.57 10.48
C THR B 219 5.65 -27.74 9.08
N ALA B 220 6.76 -28.47 8.98
CA ALA B 220 7.31 -28.82 7.65
C ALA B 220 6.77 -30.16 7.07
N HIS B 221 6.51 -30.19 5.75
CA HIS B 221 6.25 -31.44 4.99
C HIS B 221 7.57 -32.06 4.55
N VAL B 222 8.32 -32.54 5.53
CA VAL B 222 9.60 -33.20 5.29
C VAL B 222 9.71 -34.45 6.18
N ARG B 223 10.51 -35.39 5.71
CA ARG B 223 10.79 -36.60 6.41
C ARG B 223 12.18 -36.41 6.96
N TYR B 224 12.30 -36.56 8.27
CA TYR B 224 13.62 -36.51 8.92
C TYR B 224 14.04 -37.94 9.35
N SER B 225 14.86 -38.58 8.52
CA SER B 225 15.10 -40.02 8.61
C SER B 225 15.76 -40.40 9.92
N SER B 226 16.50 -39.47 10.51
CA SER B 226 17.00 -39.59 11.87
C SER B 226 15.91 -39.70 12.93
N ILE B 227 14.69 -39.25 12.65
CA ILE B 227 13.68 -39.21 13.69
C ILE B 227 12.48 -40.08 13.34
N ASP B 228 12.02 -40.03 12.12
CA ASP B 228 10.75 -40.65 11.81
C ASP B 228 10.64 -40.79 10.31
N SER B 229 9.90 -41.81 9.90
CA SER B 229 9.65 -42.09 8.50
C SER B 229 8.53 -41.19 8.01
N LEU B 230 7.64 -40.81 8.93
CA LEU B 230 6.60 -39.81 8.67
C LEU B 230 7.11 -38.36 8.43
N PRO B 231 6.35 -37.59 7.61
CA PRO B 231 6.67 -36.17 7.52
C PRO B 231 6.35 -35.48 8.83
N ALA B 232 7.18 -34.51 9.20
CA ALA B 232 7.00 -33.78 10.45
C ALA B 232 5.57 -33.34 10.66
N THR B 233 4.96 -32.75 9.65
CA THR B 233 3.54 -32.44 9.75
C THR B 233 2.71 -33.49 10.44
N LEU B 234 3.04 -34.76 10.22
CA LEU B 234 2.20 -35.88 10.71
C LEU B 234 2.87 -36.78 11.79
N SER B 235 4.07 -36.37 12.23
CA SER B 235 4.91 -37.09 13.20
C SER B 235 4.67 -36.69 14.66
N GLU B 236 4.12 -37.60 15.49
CA GLU B 236 4.04 -37.38 16.97
C GLU B 236 5.45 -37.39 17.62
N LYS B 237 6.40 -38.10 17.04
CA LYS B 237 7.78 -37.95 17.47
C LYS B 237 8.34 -36.55 17.30
N ILE B 238 7.82 -35.75 16.38
CA ILE B 238 8.34 -34.40 16.15
C ILE B 238 7.43 -33.37 16.84
N ILE B 239 6.16 -33.37 16.50
CA ILE B 239 5.26 -32.40 17.13
C ILE B 239 5.12 -32.58 18.67
N THR B 240 4.88 -33.80 19.16
CA THR B 240 4.87 -34.01 20.61
C THR B 240 6.27 -34.16 21.23
N ASP B 241 7.09 -35.04 20.71
CA ASP B 241 8.33 -35.36 21.42
C ASP B 241 9.38 -34.25 21.32
N VAL B 242 9.76 -33.86 20.11
CA VAL B 242 10.73 -32.75 19.96
C VAL B 242 10.18 -31.33 20.27
N LEU B 243 8.90 -31.06 20.01
CA LEU B 243 8.41 -29.67 20.11
C LEU B 243 7.67 -29.40 21.41
N ARG B 244 6.61 -30.15 21.64
CA ARG B 244 5.79 -29.93 22.85
C ARG B 244 6.46 -30.30 24.18
N GLU B 245 7.36 -31.28 24.16
CA GLU B 245 8.05 -31.77 25.38
C GLU B 245 9.47 -31.27 25.45
N LYS B 246 10.30 -31.65 24.50
CA LYS B 246 11.69 -31.30 24.59
C LYS B 246 11.87 -29.77 24.62
N ILE B 247 11.20 -29.05 23.74
CA ILE B 247 11.37 -27.59 23.65
C ILE B 247 10.53 -26.87 24.70
N GLY B 248 9.30 -27.32 24.84
CA GLY B 248 8.40 -26.78 25.84
C GLY B 248 7.14 -26.14 25.33
N PHE B 249 6.99 -26.11 24.01
CA PHE B 249 6.03 -25.23 23.37
C PHE B 249 4.64 -25.79 23.46
N ASP B 250 3.73 -25.09 24.15
CA ASP B 250 2.34 -25.55 24.26
C ASP B 250 1.34 -24.66 23.54
N GLY B 251 1.85 -23.79 22.68
CA GLY B 251 1.04 -22.87 21.88
C GLY B 251 0.57 -23.48 20.56
N LEU B 252 0.26 -22.62 19.60
CA LEU B 252 -0.41 -22.99 18.34
C LEU B 252 0.50 -23.67 17.33
N VAL B 253 0.11 -24.86 16.93
CA VAL B 253 0.82 -25.57 15.90
C VAL B 253 -0.12 -25.71 14.73
N ILE B 254 0.38 -25.26 13.59
CA ILE B 254 -0.43 -25.23 12.41
C ILE B 254 0.27 -26.05 11.37
N SER B 255 -0.53 -26.76 10.59
CA SER B 255 0.00 -27.55 9.46
C SER B 255 0.41 -26.64 8.30
N ASP B 256 1.41 -27.06 7.52
CA ASP B 256 1.59 -26.48 6.20
C ASP B 256 0.36 -26.99 5.44
N ALA B 257 0.12 -26.50 4.22
CA ALA B 257 -1.15 -26.79 3.54
C ALA B 257 -1.26 -28.27 3.17
N MET B 258 -2.36 -28.90 3.54
CA MET B 258 -2.43 -30.37 3.43
C MET B 258 -2.60 -30.86 2.00
N GLU B 259 -3.14 -30.03 1.11
CA GLU B 259 -3.15 -30.40 -0.31
C GLU B 259 -1.76 -30.52 -0.97
N MET B 260 -0.71 -29.94 -0.39
CA MET B 260 0.60 -30.04 -1.01
C MET B 260 0.90 -31.52 -1.22
N SER B 261 1.46 -31.84 -2.38
CA SER B 261 1.64 -33.26 -2.79
C SER B 261 2.44 -34.14 -1.79
N ALA B 262 3.55 -33.61 -1.26
CA ALA B 262 4.30 -34.30 -0.21
C ALA B 262 3.42 -35.00 0.84
N VAL B 263 2.24 -34.47 1.13
CA VAL B 263 1.31 -35.19 2.00
C VAL B 263 0.07 -35.69 1.26
N SER B 264 -0.35 -34.96 0.24
CA SER B 264 -1.55 -35.34 -0.52
C SER B 264 -1.38 -36.65 -1.28
N ASN B 265 -0.16 -36.91 -1.77
CA ASN B 265 0.12 -38.07 -2.59
C ASN B 265 0.41 -39.31 -1.75
N ASN B 266 0.80 -39.10 -0.50
CA ASN B 266 1.34 -40.21 0.28
C ASN B 266 0.43 -40.61 1.43
N PHE B 267 -0.66 -39.90 1.64
CA PHE B 267 -1.53 -40.12 2.79
C PHE B 267 -2.87 -39.68 2.36
N SER B 268 -3.89 -40.19 3.04
CA SER B 268 -5.26 -39.91 2.70
C SER B 268 -5.79 -38.93 3.71
N VAL B 269 -6.82 -38.20 3.30
CA VAL B 269 -7.44 -37.22 4.21
C VAL B 269 -7.57 -37.77 5.63
N GLU B 270 -8.04 -39.00 5.73
CA GLU B 270 -8.32 -39.67 7.01
C GLU B 270 -7.07 -39.84 7.85
N GLU B 271 -6.03 -40.40 7.24
CA GLU B 271 -4.73 -40.50 7.88
C GLU B 271 -4.22 -39.10 8.25
N ILE B 272 -4.42 -38.14 7.35
CA ILE B 272 -3.90 -36.79 7.51
C ILE B 272 -4.48 -36.13 8.76
N VAL B 273 -5.81 -36.01 8.79
CA VAL B 273 -6.50 -35.41 9.95
C VAL B 273 -6.07 -36.09 11.26
N SER B 274 -5.99 -37.41 11.22
CA SER B 274 -5.65 -38.21 12.39
C SER B 274 -4.19 -38.08 12.80
N LEU B 275 -3.27 -38.29 11.88
CA LEU B 275 -1.88 -38.31 12.28
C LEU B 275 -1.51 -36.96 12.87
N PHE B 276 -2.00 -35.91 12.22
CA PHE B 276 -1.68 -34.54 12.63
C PHE B 276 -2.24 -34.22 14.01
N LEU B 277 -3.56 -34.27 14.15
CA LEU B 277 -4.17 -33.93 15.42
C LEU B 277 -3.64 -34.77 16.60
N ASN B 278 -3.47 -36.07 16.35
CA ASN B 278 -2.92 -37.00 17.34
C ASN B 278 -1.45 -36.77 17.60
N ALA B 279 -0.72 -36.21 16.63
CA ALA B 279 0.66 -35.85 16.85
C ALA B 279 0.79 -34.63 17.79
N GLY B 280 -0.33 -33.95 18.00
CA GLY B 280 -0.41 -32.73 18.82
C GLY B 280 -0.45 -31.45 18.01
N GLY B 281 -0.88 -31.53 16.75
CA GLY B 281 -0.95 -30.36 15.90
C GLY B 281 -2.32 -29.82 16.16
N ASN B 282 -2.51 -28.51 16.00
CA ASN B 282 -3.75 -27.91 16.39
C ASN B 282 -4.59 -27.51 15.21
N MET B 283 -4.04 -26.70 14.30
CA MET B 283 -4.85 -26.26 13.16
C MET B 283 -4.37 -26.89 11.87
N ILE B 284 -5.34 -27.38 11.14
CA ILE B 284 -5.14 -27.97 9.82
C ILE B 284 -5.33 -26.86 8.79
N LEU B 285 -4.33 -26.69 7.96
CA LEU B 285 -4.35 -25.67 6.95
C LEU B 285 -4.76 -26.31 5.63
N LEU B 286 -5.90 -25.84 5.14
CA LEU B 286 -6.35 -26.11 3.81
C LEU B 286 -6.04 -24.88 2.91
N GLY B 287 -4.95 -24.97 2.15
CA GLY B 287 -4.67 -24.04 1.07
C GLY B 287 -5.91 -23.61 0.29
N ASP B 288 -6.84 -24.55 0.09
CA ASP B 288 -8.04 -24.36 -0.72
C ASP B 288 -9.28 -24.61 0.10
N TYR B 289 -9.90 -23.56 0.58
CA TYR B 289 -11.07 -23.66 1.42
C TYR B 289 -12.12 -24.60 0.94
N ARG B 290 -12.09 -24.94 -0.35
CA ARG B 290 -13.09 -25.87 -0.94
C ARG B 290 -12.97 -27.30 -0.42
N ASN B 291 -11.75 -27.72 -0.05
CA ASN B 291 -11.54 -29.00 0.61
C ASN B 291 -12.08 -29.08 2.06
N LEU B 292 -12.84 -28.09 2.48
CA LEU B 292 -13.20 -28.03 3.89
C LEU B 292 -14.25 -29.05 4.19
N PRO B 293 -15.37 -29.01 3.44
CA PRO B 293 -16.43 -29.98 3.71
C PRO B 293 -15.85 -31.38 3.88
N VAL B 294 -15.08 -31.85 2.91
CA VAL B 294 -14.48 -33.19 3.01
C VAL B 294 -13.66 -33.31 4.30
N TYR B 295 -12.69 -32.42 4.44
CA TYR B 295 -11.82 -32.48 5.62
C TYR B 295 -12.62 -32.38 6.90
N TYR B 296 -13.68 -31.58 6.88
CA TYR B 296 -14.43 -31.33 8.10
C TYR B 296 -15.17 -32.58 8.54
N GLU B 297 -15.80 -33.24 7.58
CA GLU B 297 -16.67 -34.39 7.90
C GLU B 297 -15.81 -35.65 8.17
N THR B 298 -14.65 -35.76 7.51
CA THR B 298 -13.63 -36.76 7.91
C THR B 298 -13.36 -36.71 9.41
N LEU B 299 -13.29 -35.50 9.98
CA LEU B 299 -12.96 -35.32 11.39
C LEU B 299 -14.10 -35.73 12.29
N VAL B 300 -15.30 -35.28 11.95
CA VAL B 300 -16.49 -35.53 12.75
C VAL B 300 -16.79 -37.06 12.84
N LYS B 301 -16.54 -37.76 11.74
CA LYS B 301 -16.59 -39.25 11.69
C LYS B 301 -15.47 -39.88 12.50
N LEU B 302 -14.23 -39.50 12.24
CA LEU B 302 -13.10 -40.00 13.02
C LEU B 302 -13.29 -39.84 14.52
N LEU B 303 -14.09 -38.85 14.92
CA LEU B 303 -14.41 -38.64 16.33
C LEU B 303 -15.40 -39.68 16.84
N GLU B 304 -16.41 -39.97 16.03
CA GLU B 304 -17.37 -41.04 16.35
C GLU B 304 -16.69 -42.39 16.35
N ASP B 305 -15.79 -42.60 15.39
CA ASP B 305 -14.97 -43.81 15.32
C ASP B 305 -14.00 -43.98 16.50
N GLY B 306 -13.65 -42.91 17.19
CA GLY B 306 -12.64 -42.98 18.24
C GLY B 306 -11.23 -43.08 17.66
N LYS B 307 -11.14 -43.10 16.32
CA LYS B 307 -9.85 -43.11 15.62
C LYS B 307 -9.08 -41.80 15.80
N VAL B 308 -9.72 -40.80 16.41
CA VAL B 308 -9.03 -39.56 16.78
C VAL B 308 -9.31 -39.22 18.21
N GLN B 309 -8.25 -38.98 18.97
CA GLN B 309 -8.34 -38.82 20.41
C GLN B 309 -9.08 -37.54 20.77
N LYS B 310 -10.24 -37.68 21.38
CA LYS B 310 -11.03 -36.54 21.82
C LYS B 310 -10.28 -35.55 22.72
N ASP B 311 -9.36 -36.02 23.55
CA ASP B 311 -8.65 -35.10 24.45
C ASP B 311 -7.94 -34.03 23.62
N LYS B 312 -7.20 -34.48 22.61
CA LYS B 312 -6.40 -33.58 21.76
C LYS B 312 -7.26 -32.56 21.00
N VAL B 313 -8.41 -32.99 20.52
CA VAL B 313 -9.34 -32.11 19.82
C VAL B 313 -9.81 -30.98 20.73
N GLU B 314 -10.25 -31.32 21.94
CA GLU B 314 -10.66 -30.30 22.93
C GLU B 314 -9.51 -29.45 23.46
N ARG B 315 -8.31 -30.01 23.49
CA ARG B 315 -7.12 -29.29 23.92
C ARG B 315 -6.74 -28.28 22.87
N SER B 316 -6.80 -28.71 21.63
CA SER B 316 -6.49 -27.87 20.49
C SER B 316 -7.52 -26.75 20.45
N ILE B 317 -8.80 -27.08 20.59
CA ILE B 317 -9.81 -26.03 20.59
C ILE B 317 -9.51 -24.94 21.62
N ARG B 318 -8.91 -25.32 22.72
CA ARG B 318 -8.63 -24.37 23.78
C ARG B 318 -7.42 -23.52 23.42
N THR B 319 -6.34 -24.16 22.98
CA THR B 319 -5.13 -23.44 22.50
C THR B 319 -5.47 -22.37 21.44
N VAL B 320 -6.32 -22.74 20.50
CA VAL B 320 -6.81 -21.83 19.49
C VAL B 320 -7.61 -20.69 20.10
N GLU B 321 -8.46 -20.97 21.08
CA GLU B 321 -9.24 -19.90 21.70
C GLU B 321 -8.41 -18.94 22.56
N LYS B 322 -7.30 -19.45 23.06
CA LYS B 322 -6.34 -18.71 23.81
C LYS B 322 -5.72 -17.64 22.91
N TYR B 323 -5.28 -18.08 21.74
CA TYR B 323 -4.62 -17.21 20.79
C TYR B 323 -5.59 -16.16 20.29
N LEU B 324 -6.76 -16.64 19.93
CA LEU B 324 -7.85 -15.82 19.53
C LEU B 324 -8.14 -14.75 20.58
N ALA B 325 -8.15 -15.16 21.85
CA ALA B 325 -8.45 -14.23 22.93
C ALA B 325 -7.39 -13.14 23.15
N PHE B 326 -6.16 -13.35 22.71
CA PHE B 326 -5.20 -12.24 22.72
C PHE B 326 -4.89 -11.61 21.35
N ALA B 327 -5.49 -12.09 20.27
CA ALA B 327 -5.26 -11.46 18.98
C ALA B 327 -6.06 -10.19 18.92
N LYS B 328 -5.48 -9.18 18.26
CA LYS B 328 -6.19 -7.92 17.91
C LYS B 328 -7.51 -8.20 17.18
N LYS B 329 -8.45 -7.26 17.27
CA LYS B 329 -9.83 -7.54 16.89
C LYS B 329 -10.52 -6.54 15.96
N ASN B 330 -9.94 -5.37 15.73
CA ASN B 330 -10.58 -4.31 14.91
C ASN B 330 -11.06 -4.80 13.55
N SER B 331 -12.07 -4.12 12.98
CA SER B 331 -12.64 -4.50 11.63
C SER B 331 -11.70 -4.20 10.49
N GLY B 332 -10.60 -3.52 10.82
CA GLY B 332 -9.70 -3.03 9.85
C GLY B 332 -10.46 -2.31 8.73
N VAL B 333 -9.89 -2.51 7.56
CA VAL B 333 -10.31 -1.89 6.32
C VAL B 333 -11.84 -2.10 6.02
N GLY B 334 -12.40 -3.10 6.67
CA GLY B 334 -13.83 -3.38 6.67
C GLY B 334 -14.73 -2.16 6.89
N PHE B 335 -14.31 -1.24 7.74
CA PHE B 335 -15.20 -0.11 8.02
C PHE B 335 -15.37 0.68 6.74
N LEU B 336 -14.40 0.57 5.83
CA LEU B 336 -14.50 1.41 4.67
C LEU B 336 -15.65 0.88 3.78
N ALA B 337 -15.85 -0.42 3.76
CA ALA B 337 -17.05 -0.97 3.09
C ALA B 337 -18.30 -0.33 3.64
N ASP B 338 -18.38 -0.27 4.97
CA ASP B 338 -19.59 0.21 5.60
C ASP B 338 -19.76 1.65 5.32
N VAL B 339 -18.65 2.40 5.44
CA VAL B 339 -18.71 3.83 5.17
C VAL B 339 -19.24 4.05 3.76
N SER B 340 -18.84 3.20 2.82
CA SER B 340 -19.21 3.40 1.43
C SER B 340 -20.67 3.10 1.25
N MET B 341 -21.09 1.95 1.79
CA MET B 341 -22.50 1.54 1.74
C MET B 341 -23.41 2.66 2.22
N LYS B 342 -23.10 3.18 3.41
CA LYS B 342 -23.96 4.15 4.10
C LYS B 342 -24.16 5.44 3.32
N ALA B 343 -23.25 5.76 2.41
CA ALA B 343 -23.38 6.99 1.64
C ALA B 343 -24.25 6.84 0.38
N VAL B 344 -24.72 5.62 0.12
CA VAL B 344 -25.55 5.33 -1.05
C VAL B 344 -27.06 5.37 -0.74
N GLU B 345 -27.80 5.94 -1.68
CA GLU B 345 -29.26 5.99 -1.67
C GLU B 345 -29.73 5.29 -2.94
N PHE B 346 -30.76 4.44 -2.82
CA PHE B 346 -31.49 3.95 -4.00
C PHE B 346 -32.76 4.78 -4.18
N LEU B 347 -33.04 5.21 -5.39
CA LEU B 347 -34.14 6.12 -5.67
C LEU B 347 -35.04 5.60 -6.81
N GLY B 348 -36.25 5.18 -6.47
CA GLY B 348 -37.26 4.80 -7.47
C GLY B 348 -37.46 3.31 -7.60
N PHE B 349 -36.82 2.53 -6.74
CA PHE B 349 -36.99 1.09 -6.73
C PHE B 349 -36.32 0.62 -5.47
N GLU B 350 -36.54 -0.63 -5.10
CA GLU B 350 -35.91 -1.19 -3.91
C GLU B 350 -34.99 -2.36 -4.28
N LYS B 351 -35.35 -3.07 -5.34
CA LYS B 351 -34.58 -4.22 -5.84
C LYS B 351 -34.88 -4.40 -7.32
N ILE B 352 -33.97 -5.10 -8.02
CA ILE B 352 -34.13 -5.37 -9.47
C ILE B 352 -33.87 -6.85 -9.70
N ASP B 353 -34.65 -7.45 -10.61
CA ASP B 353 -34.53 -8.88 -10.92
C ASP B 353 -33.21 -9.06 -11.64
N HIS B 354 -32.41 -10.00 -11.14
CA HIS B 354 -31.17 -10.33 -11.79
C HIS B 354 -31.57 -10.94 -13.16
N THR B 355 -31.43 -10.12 -14.19
CA THR B 355 -31.57 -10.57 -15.56
C THR B 355 -30.32 -11.34 -15.94
N SER B 356 -30.33 -11.91 -17.12
CA SER B 356 -29.17 -12.69 -17.53
C SER B 356 -27.99 -11.80 -17.97
N GLU B 357 -28.33 -10.71 -18.63
CA GLU B 357 -27.30 -9.79 -19.08
C GLU B 357 -27.65 -8.36 -18.76
N VAL B 358 -26.59 -7.61 -18.48
CA VAL B 358 -26.69 -6.18 -18.39
C VAL B 358 -25.88 -5.58 -19.48
N THR B 359 -26.31 -4.46 -19.98
CA THR B 359 -25.40 -3.69 -20.77
C THR B 359 -24.99 -2.47 -19.95
N LEU B 360 -23.70 -2.15 -19.98
CA LEU B 360 -23.13 -1.12 -19.14
C LEU B 360 -22.75 0.05 -19.97
N LEU B 361 -23.23 1.23 -19.62
CA LEU B 361 -22.77 2.42 -20.28
C LEU B 361 -21.79 3.05 -19.33
N VAL B 362 -20.54 3.13 -19.74
CA VAL B 362 -19.49 3.52 -18.84
C VAL B 362 -18.75 4.65 -19.48
N PRO B 363 -18.61 5.77 -18.78
CA PRO B 363 -17.90 6.90 -19.37
C PRO B 363 -16.43 6.63 -19.64
N SER B 364 -15.92 7.20 -20.70
CA SER B 364 -14.51 7.10 -21.01
C SER B 364 -13.82 8.30 -20.42
N SER B 365 -12.51 8.19 -20.18
CA SER B 365 -11.80 9.27 -19.51
C SER B 365 -10.51 9.76 -20.19
N GLU B 366 -10.30 11.07 -20.01
CA GLU B 366 -9.32 11.87 -20.75
C GLU B 366 -7.96 11.92 -20.08
N ASN B 367 -7.17 12.89 -20.51
CA ASN B 367 -5.95 13.26 -19.80
C ASN B 367 -6.32 14.01 -18.54
N LEU B 368 -5.85 13.48 -17.42
CA LEU B 368 -6.07 14.11 -16.14
C LEU B 368 -4.82 13.91 -15.29
N SER B 369 -4.80 14.58 -14.13
CA SER B 369 -3.67 14.50 -13.22
C SER B 369 -3.33 13.06 -12.88
N GLN B 370 -2.05 12.79 -12.65
CA GLN B 370 -1.63 11.44 -12.24
C GLN B 370 -2.32 11.03 -10.92
N ALA B 371 -2.71 12.02 -10.12
CA ALA B 371 -3.31 11.78 -8.82
C ALA B 371 -4.79 11.35 -8.88
N ASP B 372 -5.45 11.66 -9.99
CA ASP B 372 -6.88 11.45 -10.14
C ASP B 372 -7.23 10.02 -10.56
N THR B 373 -8.02 9.37 -9.72
CA THR B 373 -8.31 7.95 -9.91
C THR B 373 -9.67 7.66 -10.57
N THR B 374 -10.45 8.69 -10.90
CA THR B 374 -11.80 8.50 -11.51
C THR B 374 -11.74 7.67 -12.80
N GLY B 375 -10.84 8.03 -13.70
CA GLY B 375 -10.66 7.27 -14.93
C GLY B 375 -10.34 5.80 -14.76
N GLY B 376 -9.38 5.49 -13.91
CA GLY B 376 -9.04 4.08 -13.67
C GLY B 376 -10.23 3.35 -13.06
N ASP B 377 -11.02 4.14 -12.34
CA ASP B 377 -12.21 3.69 -11.67
C ASP B 377 -13.29 3.28 -12.66
N TYR B 378 -13.52 4.11 -13.66
CA TYR B 378 -14.49 3.76 -14.65
C TYR B 378 -14.07 2.51 -15.38
N ASP B 379 -12.79 2.44 -15.77
CA ASP B 379 -12.27 1.21 -16.40
C ASP B 379 -12.57 -0.07 -15.61
N GLN B 380 -12.65 0.08 -14.31
CA GLN B 380 -12.80 -1.07 -13.41
C GLN B 380 -14.24 -1.59 -13.23
N ILE B 381 -15.22 -0.81 -13.71
CA ILE B 381 -16.61 -1.10 -13.50
C ILE B 381 -17.06 -2.43 -14.12
N PRO B 382 -16.56 -2.78 -15.33
CA PRO B 382 -17.10 -4.03 -15.84
C PRO B 382 -16.68 -5.27 -15.05
N GLU B 383 -15.43 -5.30 -14.59
CA GLU B 383 -15.01 -6.46 -13.73
C GLU B 383 -15.84 -6.53 -12.43
N ILE B 384 -16.31 -5.39 -11.94
CA ILE B 384 -17.08 -5.34 -10.72
C ILE B 384 -18.46 -5.92 -10.99
N VAL B 385 -19.12 -5.39 -12.01
CA VAL B 385 -20.41 -5.86 -12.39
C VAL B 385 -20.38 -7.32 -12.82
N SER B 386 -19.27 -7.77 -13.39
CA SER B 386 -19.16 -9.18 -13.77
C SER B 386 -19.38 -10.08 -12.58
N ARG B 387 -19.24 -9.56 -11.36
CA ARG B 387 -19.41 -10.42 -10.18
C ARG B 387 -20.85 -10.79 -9.92
N PHE B 388 -21.76 -10.04 -10.52
CA PHE B 388 -23.21 -10.24 -10.38
C PHE B 388 -23.99 -10.56 -11.67
N PHE B 389 -23.32 -10.61 -12.81
CA PHE B 389 -23.94 -10.96 -14.08
C PHE B 389 -23.06 -11.88 -14.93
N GLU B 390 -23.71 -12.83 -15.60
CA GLU B 390 -23.00 -13.88 -16.37
C GLU B 390 -22.73 -13.43 -17.81
N VAL B 391 -23.41 -12.35 -18.22
CA VAL B 391 -23.14 -11.71 -19.50
C VAL B 391 -23.30 -10.19 -19.45
N GLU B 392 -22.44 -9.48 -20.16
CA GLU B 392 -22.43 -8.05 -20.12
C GLU B 392 -21.88 -7.44 -21.41
N ASN B 393 -22.68 -6.56 -21.99
CA ASN B 393 -22.26 -5.74 -23.13
C ASN B 393 -21.75 -4.41 -22.59
N VAL B 394 -20.47 -4.14 -22.77
CA VAL B 394 -19.86 -2.90 -22.32
C VAL B 394 -19.75 -1.89 -23.44
N VAL B 395 -20.32 -0.70 -23.26
CA VAL B 395 -20.05 0.37 -24.21
C VAL B 395 -19.58 1.60 -23.48
N ARG B 396 -18.55 2.23 -24.05
CA ARG B 396 -17.91 3.36 -23.48
C ARG B 396 -18.35 4.62 -24.19
N TYR B 397 -18.89 5.59 -23.47
CA TYR B 397 -19.32 6.86 -24.11
C TYR B 397 -18.57 8.04 -23.56
N THR B 398 -18.56 9.14 -24.31
CA THR B 398 -17.81 10.34 -23.86
C THR B 398 -18.81 11.20 -23.14
N VAL B 399 -18.38 11.74 -22.01
CA VAL B 399 -19.28 12.35 -21.08
C VAL B 399 -20.02 13.49 -21.76
N GLU B 400 -19.27 14.27 -22.53
CA GLU B 400 -19.78 15.47 -23.23
C GLU B 400 -20.82 15.16 -24.35
N ASP B 401 -20.78 13.97 -24.93
CA ASP B 401 -21.74 13.57 -25.97
C ASP B 401 -23.02 12.93 -25.40
N GLY B 402 -22.88 12.25 -24.27
CA GLY B 402 -23.95 11.36 -23.78
C GLY B 402 -23.78 9.95 -24.34
N PRO B 403 -24.58 9.02 -23.84
CA PRO B 403 -24.54 7.65 -24.31
C PRO B 403 -25.33 7.47 -25.61
N GLU B 404 -24.66 6.87 -26.60
CA GLU B 404 -25.32 6.30 -27.77
C GLU B 404 -26.48 5.43 -27.30
N PHE B 405 -27.54 5.38 -28.09
CA PHE B 405 -28.72 4.60 -27.73
C PHE B 405 -28.30 3.16 -27.71
N VAL B 406 -28.87 2.39 -26.79
CA VAL B 406 -28.44 1.02 -26.63
C VAL B 406 -29.60 0.17 -26.14
N GLU B 407 -29.56 -1.13 -26.41
CA GLU B 407 -30.62 -2.04 -25.92
C GLU B 407 -29.99 -3.06 -24.97
N GLY B 408 -30.84 -3.77 -24.24
CA GLY B 408 -30.40 -4.79 -23.28
C GLY B 408 -31.57 -5.23 -22.44
N ASP B 409 -31.43 -6.31 -21.69
CA ASP B 409 -32.50 -6.69 -20.73
C ASP B 409 -32.53 -5.68 -19.59
N LEU B 410 -31.32 -5.18 -19.31
CA LEU B 410 -31.02 -4.29 -18.22
C LEU B 410 -29.87 -3.40 -18.68
N ILE B 411 -29.98 -2.11 -18.42
CA ILE B 411 -28.95 -1.15 -18.76
C ILE B 411 -28.54 -0.38 -17.53
N PHE B 412 -27.23 -0.20 -17.32
CA PHE B 412 -26.70 0.50 -16.17
C PHE B 412 -25.98 1.66 -16.75
N ASP B 413 -26.43 2.87 -16.44
CA ASP B 413 -25.86 4.07 -17.06
C ASP B 413 -25.11 4.83 -16.04
N PHE B 414 -23.80 4.74 -16.10
CA PHE B 414 -22.98 5.32 -15.06
C PHE B 414 -22.66 6.72 -15.53
N VAL B 415 -23.03 7.69 -14.70
CA VAL B 415 -22.99 9.10 -15.02
C VAL B 415 -21.96 9.80 -14.17
N ALA B 416 -20.98 10.40 -14.82
CA ALA B 416 -19.99 11.22 -14.15
C ALA B 416 -20.61 12.59 -13.96
N ASP B 417 -21.03 13.18 -15.05
CA ASP B 417 -21.71 14.44 -15.02
C ASP B 417 -22.49 14.65 -16.31
N ILE B 418 -23.20 15.76 -16.38
CA ILE B 418 -24.06 16.05 -17.51
C ILE B 418 -23.76 17.49 -17.97
N PRO B 419 -22.74 17.67 -18.81
CA PRO B 419 -22.34 19.05 -19.13
C PRO B 419 -23.27 19.81 -20.08
N ASN B 420 -23.90 19.12 -21.01
CA ASN B 420 -24.79 19.78 -21.98
C ASN B 420 -26.17 19.16 -22.04
N GLU B 421 -27.02 19.79 -22.85
CA GLU B 421 -28.41 19.40 -23.03
C GLU B 421 -28.50 18.25 -24.03
N LYS B 422 -27.70 18.30 -25.09
CA LYS B 422 -27.74 17.21 -26.07
C LYS B 422 -27.38 15.90 -25.36
N ALA B 423 -26.42 16.00 -24.43
CA ALA B 423 -26.02 14.86 -23.63
C ALA B 423 -27.10 14.42 -22.64
N LEU B 424 -27.70 15.35 -21.95
CA LEU B 424 -28.78 15.00 -21.04
C LEU B 424 -29.87 14.26 -21.80
N LYS B 425 -30.14 14.74 -23.01
CA LYS B 425 -31.09 14.12 -23.91
C LYS B 425 -30.71 12.66 -24.19
N ALA B 426 -29.46 12.44 -24.63
CA ALA B 426 -28.89 11.09 -24.83
C ALA B 426 -29.06 10.18 -23.63
N HIS B 427 -28.91 10.70 -22.42
CA HIS B 427 -29.10 9.91 -21.21
C HIS B 427 -30.56 9.57 -21.00
N LEU B 428 -31.42 10.55 -21.32
CA LEU B 428 -32.87 10.43 -21.10
C LEU B 428 -33.64 9.60 -22.15
N SER B 429 -33.15 9.62 -23.40
CA SER B 429 -33.74 8.81 -24.46
C SER B 429 -33.71 7.28 -24.16
N LEU B 430 -32.70 6.82 -23.45
CA LEU B 430 -32.72 5.48 -22.87
C LEU B 430 -34.06 5.12 -22.20
N PRO B 431 -34.51 3.86 -22.30
CA PRO B 431 -35.83 3.51 -21.73
C PRO B 431 -35.93 3.37 -20.22
N ALA B 432 -36.79 4.15 -19.59
CA ALA B 432 -36.83 4.23 -18.13
C ALA B 432 -37.22 2.97 -17.28
N GLU B 433 -37.83 1.94 -17.88
CA GLU B 433 -38.18 0.71 -17.08
C GLU B 433 -37.04 -0.32 -17.01
N LYS B 434 -36.04 -0.12 -17.85
CA LYS B 434 -34.92 -1.05 -17.96
C LYS B 434 -33.60 -0.45 -17.51
N THR B 435 -33.47 0.89 -17.59
CA THR B 435 -32.20 1.55 -17.27
C THR B 435 -32.13 2.10 -15.85
N VAL B 436 -31.01 1.78 -15.22
CA VAL B 436 -30.63 2.30 -13.91
C VAL B 436 -29.47 3.28 -14.07
N TYR B 437 -29.67 4.49 -13.59
CA TYR B 437 -28.69 5.52 -13.68
C TYR B 437 -27.86 5.46 -12.40
N PHE B 438 -26.53 5.44 -12.53
CA PHE B 438 -25.66 5.53 -11.35
C PHE B 438 -25.11 6.95 -11.32
N VAL B 439 -25.60 7.74 -10.38
CA VAL B 439 -25.08 9.10 -10.17
C VAL B 439 -23.85 8.92 -9.28
N LEU B 440 -22.72 9.04 -9.94
CA LEU B 440 -21.43 8.65 -9.37
C LEU B 440 -20.77 9.75 -8.59
N ARG B 441 -21.05 11.00 -8.96
CA ARG B 441 -20.35 12.15 -8.41
C ARG B 441 -21.26 13.15 -7.70
N ASN B 442 -21.80 14.08 -8.43
CA ASN B 442 -22.56 15.14 -7.83
C ASN B 442 -24.00 14.74 -7.65
N PRO B 443 -24.47 14.63 -6.42
CA PRO B 443 -25.85 14.17 -6.23
C PRO B 443 -26.95 15.16 -6.66
N PHE B 444 -26.56 16.40 -6.95
CA PHE B 444 -27.46 17.35 -7.53
C PHE B 444 -28.04 16.76 -8.80
N ASP B 445 -27.19 16.08 -9.57
CA ASP B 445 -27.57 15.52 -10.87
C ASP B 445 -28.90 14.74 -10.81
N VAL B 446 -29.15 14.04 -9.71
CA VAL B 446 -30.42 13.34 -9.49
C VAL B 446 -31.63 14.08 -10.03
N ARG B 447 -31.67 15.39 -9.90
CA ARG B 447 -32.88 16.12 -10.28
C ARG B 447 -33.35 15.78 -11.69
N TYR B 448 -32.39 15.68 -12.61
CA TYR B 448 -32.66 15.40 -14.02
C TYR B 448 -33.42 14.09 -14.24
N PHE B 449 -33.11 13.10 -13.44
CA PHE B 449 -33.65 11.77 -13.59
C PHE B 449 -34.79 11.57 -12.66
N GLU B 450 -35.78 12.43 -12.80
CA GLU B 450 -36.96 12.44 -11.94
C GLU B 450 -37.79 11.17 -12.11
N GLY B 451 -38.06 10.48 -11.00
CA GLY B 451 -38.97 9.33 -11.01
C GLY B 451 -38.35 8.05 -11.55
N ARG B 452 -37.26 8.21 -12.32
CA ARG B 452 -36.45 7.09 -12.81
C ARG B 452 -35.74 6.30 -11.69
N LYS B 453 -35.13 5.19 -12.08
CA LYS B 453 -34.35 4.36 -11.15
C LYS B 453 -32.92 4.93 -11.05
N ILE B 454 -32.50 5.26 -9.82
CA ILE B 454 -31.25 5.94 -9.60
C ILE B 454 -30.47 5.37 -8.43
N VAL B 455 -29.18 5.14 -8.66
CA VAL B 455 -28.26 4.82 -7.57
C VAL B 455 -27.31 6.01 -7.43
N VAL B 456 -27.38 6.60 -6.24
CA VAL B 456 -26.56 7.75 -5.85
C VAL B 456 -25.47 7.20 -4.94
N THR B 457 -24.30 6.97 -5.52
CA THR B 457 -23.10 6.65 -4.73
C THR B 457 -22.54 8.02 -4.41
N ARG B 458 -21.58 8.12 -3.54
CA ARG B 458 -20.93 9.45 -3.58
C ARG B 458 -19.45 9.33 -3.89
N SER B 459 -19.18 8.51 -4.89
CA SER B 459 -17.90 7.92 -5.15
C SER B 459 -17.93 7.26 -6.52
N THR B 460 -16.81 7.36 -7.22
CA THR B 460 -16.50 6.53 -8.35
C THR B 460 -15.76 5.27 -7.92
N LYS B 461 -15.43 5.15 -6.63
CA LYS B 461 -14.63 4.04 -6.18
C LYS B 461 -15.28 2.67 -6.35
N PRO B 462 -14.46 1.68 -6.69
CA PRO B 462 -15.02 0.39 -6.86
C PRO B 462 -15.92 -0.02 -5.73
N ILE B 463 -15.47 0.16 -4.49
CA ILE B 463 -16.20 -0.37 -3.34
C ILE B 463 -17.63 0.15 -3.29
N SER B 464 -17.82 1.39 -3.68
CA SER B 464 -19.16 1.97 -3.61
C SER B 464 -20.07 1.32 -4.60
N ILE B 465 -19.60 1.17 -5.83
CA ILE B 465 -20.34 0.48 -6.91
C ILE B 465 -20.60 -0.98 -6.53
N TYR B 466 -19.59 -1.67 -6.00
CA TYR B 466 -19.77 -3.04 -5.58
C TYR B 466 -20.85 -3.15 -4.51
N LYS B 467 -20.71 -2.38 -3.43
CA LYS B 467 -21.70 -2.38 -2.37
C LYS B 467 -23.10 -2.08 -2.89
N SER B 468 -23.28 -1.09 -3.73
CA SER B 468 -24.61 -0.86 -4.30
C SER B 468 -25.28 -2.11 -4.92
N LEU B 469 -24.53 -2.91 -5.69
CA LEU B 469 -25.13 -4.00 -6.52
C LEU B 469 -25.62 -5.14 -5.64
N GLU B 470 -24.71 -5.42 -4.72
CA GLU B 470 -24.97 -6.37 -3.67
C GLU B 470 -26.33 -6.09 -3.05
N HIS B 471 -26.57 -4.84 -2.74
CA HIS B 471 -27.75 -4.49 -2.02
C HIS B 471 -29.06 -4.65 -2.80
N PHE B 472 -29.09 -4.30 -4.06
CA PHE B 472 -30.29 -4.62 -4.86
C PHE B 472 -30.20 -5.94 -5.68
N LEU B 473 -29.05 -6.63 -5.58
CA LEU B 473 -28.78 -7.94 -6.20
C LEU B 473 -28.80 -7.97 -7.76
#